data_1P72
#
_entry.id   1P72
#
_cell.length_a   112.301
_cell.length_b   121.014
_cell.length_c   118.808
_cell.angle_alpha   90.00
_cell.angle_beta   90.00
_cell.angle_gamma   90.00
#
_symmetry.space_group_name_H-M   'C 2 2 21'
#
loop_
_entity.id
_entity.type
_entity.pdbx_description
1 polymer 'Thymidine kinase'
2 non-polymer 'SULFATE ION'
3 non-polymer "ADENOSINE-5'-DIPHOSPHATE"
4 non-polymer THYMIDINE
5 water water
#
_entity_poly.entity_id   1
_entity_poly.type   'polypeptide(L)'
_entity_poly.pdbx_seq_one_letter_code
;GSHMVTIVRIYLDGVYGIGKSTTGRVMASAASGGSPTLYFPEPMAYWRTLFETDVISGIYDTQNRKQQGNLAVDDAALIT
AHYQSRFTTPYLILHDHTCTLFGGNSLQRGTQPDLTLVFDRHPVASTVCFPAARYLLGDMSMCALMAMVATLPREPQGGN
IVVTTLNVEEHIRRLRTRARIGEQIDITLIATLRNVYFMLVNTCHFLRSGRVWRDGWGELPTSCGAYKHRATQMDAFQER
VSPELGDTLFALFKTQELLDDRGVILEVHAWALDALMLKLRNLNVFSADLSGTPRQCAAVVESLLPLMSSTLSDFDSASA
LERAARTFNAEMGV
;
_entity_poly.pdbx_strand_id   A,B
#
# COMPACT_ATOMS: atom_id res chain seq x y z
N SER A 2 30.12 -7.64 0.69
CA SER A 2 30.44 -8.86 1.53
C SER A 2 31.06 -8.54 2.90
N HIS A 3 32.03 -7.62 2.92
CA HIS A 3 32.56 -7.05 4.16
C HIS A 3 31.39 -6.40 4.92
N MET A 4 31.25 -6.72 6.19
CA MET A 4 30.11 -6.26 7.00
C MET A 4 30.16 -4.77 7.33
N VAL A 5 28.98 -4.15 7.31
CA VAL A 5 28.84 -2.73 7.58
C VAL A 5 27.65 -2.51 8.53
N THR A 6 27.88 -1.80 9.62
CA THR A 6 26.84 -1.49 10.59
C THR A 6 26.12 -0.18 10.21
N ILE A 7 24.80 -0.23 10.18
CA ILE A 7 24.00 0.93 9.76
C ILE A 7 23.02 1.32 10.85
N VAL A 8 22.94 2.61 11.17
CA VAL A 8 21.77 3.14 11.88
C VAL A 8 20.92 3.89 10.86
N ARG A 9 19.64 3.51 10.75
CA ARG A 9 18.71 4.32 9.98
C ARG A 9 17.69 5.08 10.83
N ILE A 10 17.48 6.33 10.43
CA ILE A 10 16.58 7.25 11.11
C ILE A 10 15.58 7.86 10.11
N TYR A 11 14.29 7.76 10.43
CA TYR A 11 13.28 8.51 9.71
C TYR A 11 13.03 9.71 10.60
N LEU A 12 13.42 10.87 10.13
CA LEU A 12 13.12 12.12 10.79
C LEU A 12 11.77 12.57 10.30
N ASP A 13 10.81 12.77 11.21
CA ASP A 13 9.44 13.04 10.80
C ASP A 13 8.81 14.13 11.67
N GLY A 14 7.66 14.64 11.25
CA GLY A 14 7.00 15.71 11.99
C GLY A 14 6.18 16.65 11.11
N VAL A 15 5.54 17.62 11.76
CA VAL A 15 4.74 18.60 11.03
C VAL A 15 5.62 19.46 10.15
N TYR A 16 5.14 19.75 8.95
CA TYR A 16 5.89 20.66 8.08
C TYR A 16 6.13 22.03 8.73
N GLY A 17 7.30 22.59 8.50
CA GLY A 17 7.59 23.90 9.06
C GLY A 17 8.48 23.94 10.28
N ILE A 18 8.66 22.80 10.93
CA ILE A 18 9.43 22.75 12.19
C ILE A 18 10.93 22.86 11.99
N GLY A 19 11.46 22.32 10.89
CA GLY A 19 12.91 22.38 10.64
C GLY A 19 13.57 21.04 10.35
N LYS A 20 12.76 20.05 10.02
CA LYS A 20 13.22 18.68 9.78
C LYS A 20 14.22 18.56 8.60
N SER A 21 13.83 19.08 7.44
CA SER A 21 14.64 18.94 6.21
C SER A 21 15.96 19.65 6.36
N THR A 22 15.94 20.85 6.95
CA THR A 22 17.17 21.58 7.24
C THR A 22 18.09 20.80 8.19
N THR A 23 17.50 20.27 9.26
CA THR A 23 18.25 19.42 10.18
C THR A 23 18.92 18.21 9.49
N GLY A 24 18.15 17.47 8.70
CA GLY A 24 18.68 16.31 7.99
C GLY A 24 19.79 16.64 6.99
N ARG A 25 19.68 17.78 6.30
CA ARG A 25 20.76 18.22 5.41
C ARG A 25 22.04 18.54 6.19
N VAL A 26 21.91 19.16 7.35
CA VAL A 26 23.08 19.39 8.21
C VAL A 26 23.70 18.08 8.69
N MET A 27 22.85 17.12 9.06
CA MET A 27 23.35 15.81 9.48
C MET A 27 24.20 15.16 8.39
N ALA A 28 23.69 15.19 7.15
CA ALA A 28 24.40 14.67 5.99
C ALA A 28 25.69 15.40 5.64
N SER A 29 25.73 16.70 5.91
CA SER A 29 26.91 17.53 5.66
C SER A 29 28.10 17.04 6.49
N ALA A 30 29.27 16.94 5.86
CA ALA A 30 30.51 16.62 6.53
C ALA A 30 30.81 17.61 7.67
N ALA A 31 30.29 18.84 7.56
CA ALA A 31 30.54 19.85 8.58
C ALA A 31 29.98 19.49 9.96
N SER A 32 28.97 18.62 10.00
CA SER A 32 28.39 18.21 11.27
C SER A 32 29.22 17.13 11.95
N GLY A 33 30.26 16.64 11.27
CA GLY A 33 31.11 15.60 11.83
C GLY A 33 30.33 14.34 12.12
N GLY A 34 30.58 13.73 13.29
CA GLY A 34 29.97 12.45 13.66
C GLY A 34 30.08 11.35 12.62
N SER A 35 28.97 10.70 12.34
CA SER A 35 28.91 9.56 11.41
C SER A 35 28.70 10.01 9.95
N PRO A 36 29.35 9.32 9.00
CA PRO A 36 29.04 9.50 7.57
C PRO A 36 27.58 9.19 7.37
N THR A 37 26.87 10.17 6.83
CA THR A 37 25.43 10.14 6.83
C THR A 37 24.89 10.38 5.42
N LEU A 38 23.92 9.56 5.02
CA LEU A 38 23.19 9.76 3.75
C LEU A 38 21.81 10.32 4.03
N TYR A 39 21.43 11.34 3.30
CA TYR A 39 20.13 11.97 3.49
C TYR A 39 19.24 11.74 2.27
N PHE A 40 18.02 11.29 2.54
CA PHE A 40 17.00 11.13 1.49
C PHE A 40 15.94 12.23 1.66
N PRO A 41 15.87 13.17 0.75
CA PRO A 41 14.94 14.30 0.89
C PRO A 41 13.48 13.89 0.66
N GLU A 42 12.58 14.83 0.98
CA GLU A 42 11.19 14.73 0.53
C GLU A 42 11.15 14.54 -0.99
N PRO A 43 10.24 13.70 -1.47
CA PRO A 43 10.13 13.43 -2.91
C PRO A 43 9.42 14.54 -3.71
N MET A 44 9.98 15.75 -3.60
CA MET A 44 9.40 16.99 -4.12
C MET A 44 9.07 16.92 -5.60
N ALA A 45 10.03 16.57 -6.45
CA ALA A 45 9.74 16.47 -7.89
C ALA A 45 8.67 15.43 -8.23
N TYR A 46 8.66 14.32 -7.50
CA TYR A 46 7.63 13.30 -7.72
C TYR A 46 6.25 13.94 -7.49
N TRP A 47 6.14 14.69 -6.39
CA TRP A 47 4.89 15.37 -6.06
C TRP A 47 4.52 16.49 -7.02
N ARG A 48 5.51 17.24 -7.51
CA ARG A 48 5.27 18.56 -8.11
C ARG A 48 5.53 18.66 -9.61
N THR A 49 6.59 18.03 -10.09
CA THR A 49 7.00 18.23 -11.49
C THR A 49 7.04 17.00 -12.39
N LEU A 50 7.17 15.80 -11.82
CA LEU A 50 7.38 14.64 -12.68
C LEU A 50 6.15 14.30 -13.53
N PHE A 51 4.96 14.62 -13.02
CA PHE A 51 3.68 14.33 -13.70
C PHE A 51 2.95 15.66 -13.99
N GLU A 52 1.78 15.56 -14.63
CA GLU A 52 1.01 16.74 -15.05
C GLU A 52 0.49 17.56 -13.89
N THR A 53 0.10 16.87 -12.83
CA THR A 53 -0.56 17.47 -11.69
C THR A 53 0.41 17.59 -10.51
N ASP A 54 0.41 18.77 -9.87
CA ASP A 54 1.13 19.04 -8.64
C ASP A 54 0.21 18.71 -7.46
N VAL A 55 0.53 17.65 -6.71
CA VAL A 55 -0.35 17.22 -5.62
C VAL A 55 -0.43 18.17 -4.40
N ILE A 56 0.65 18.92 -4.15
CA ILE A 56 0.65 19.88 -3.05
C ILE A 56 -0.30 21.01 -3.42
N SER A 57 -0.13 21.57 -4.62
CA SER A 57 -1.01 22.63 -5.08
C SER A 57 -2.43 22.09 -5.23
N GLY A 58 -2.52 20.84 -5.68
CA GLY A 58 -3.79 20.19 -5.92
C GLY A 58 -4.60 19.97 -4.67
N ILE A 59 -3.97 19.47 -3.60
CA ILE A 59 -4.69 19.22 -2.34
C ILE A 59 -5.16 20.51 -1.68
N TYR A 60 -4.31 21.54 -1.66
CA TYR A 60 -4.72 22.84 -1.11
C TYR A 60 -5.76 23.55 -2.01
N ASP A 61 -5.63 23.41 -3.33
CA ASP A 61 -6.63 23.97 -4.27
C ASP A 61 -8.01 23.31 -4.17
N THR A 62 -8.03 22.00 -3.94
CA THR A 62 -9.26 21.24 -3.71
C THR A 62 -10.16 21.87 -2.63
N GLN A 63 -9.56 22.23 -1.49
CA GLN A 63 -10.33 22.84 -0.39
C GLN A 63 -10.84 24.25 -0.72
N ASN A 64 -10.25 24.88 -1.74
CA ASN A 64 -10.66 26.23 -2.14
C ASN A 64 -11.84 26.23 -3.13
N ASP A 75 -17.75 15.36 -3.52
CA ASP A 75 -16.73 15.28 -4.57
C ASP A 75 -15.36 15.71 -4.07
N ALA A 76 -15.31 16.82 -3.31
CA ALA A 76 -14.08 17.34 -2.72
C ALA A 76 -13.39 16.31 -1.83
N ALA A 77 -14.21 15.63 -1.02
CA ALA A 77 -13.73 14.65 -0.06
C ALA A 77 -13.00 13.50 -0.75
N LEU A 78 -13.46 13.16 -1.95
CA LEU A 78 -12.89 12.10 -2.77
C LEU A 78 -11.61 12.53 -3.47
N ILE A 79 -11.61 13.73 -4.06
CA ILE A 79 -10.41 14.30 -4.64
C ILE A 79 -9.29 14.44 -3.58
N THR A 80 -9.65 14.93 -2.40
CA THR A 80 -8.69 15.09 -1.30
C THR A 80 -8.07 13.76 -0.90
N ALA A 81 -8.89 12.73 -0.85
CA ALA A 81 -8.39 11.41 -0.53
C ALA A 81 -7.42 10.95 -1.63
N HIS A 82 -7.74 11.24 -2.89
CA HIS A 82 -6.86 10.82 -3.96
C HIS A 82 -5.51 11.54 -3.98
N TYR A 83 -5.52 12.82 -3.60
CA TYR A 83 -4.28 13.57 -3.51
C TYR A 83 -3.38 13.06 -2.42
N GLN A 84 -3.98 12.74 -1.27
CA GLN A 84 -3.26 12.15 -0.15
C GLN A 84 -2.67 10.81 -0.55
N SER A 85 -3.37 10.07 -1.42
CA SER A 85 -2.84 8.82 -1.95
C SER A 85 -1.54 9.08 -2.70
N ARG A 86 -1.54 10.11 -3.54
CA ARG A 86 -0.39 10.42 -4.39
C ARG A 86 0.83 10.89 -3.59
N PHE A 87 0.61 11.50 -2.43
CA PHE A 87 1.72 11.82 -1.53
C PHE A 87 2.50 10.56 -1.16
N THR A 88 1.80 9.45 -0.94
CA THR A 88 2.42 8.26 -0.38
C THR A 88 3.31 7.53 -1.37
N THR A 89 3.00 7.68 -2.67
CA THR A 89 3.58 6.87 -3.73
C THR A 89 5.10 6.75 -3.68
N PRO A 90 5.82 7.88 -3.77
CA PRO A 90 7.28 7.84 -3.81
C PRO A 90 7.87 7.32 -2.50
N TYR A 91 7.17 7.50 -1.39
CA TYR A 91 7.59 6.91 -0.12
C TYR A 91 7.52 5.39 -0.17
N LEU A 92 6.42 4.86 -0.73
CA LEU A 92 6.27 3.40 -0.88
C LEU A 92 7.33 2.81 -1.78
N ILE A 93 7.63 3.50 -2.88
CA ILE A 93 8.68 3.10 -3.81
C ILE A 93 10.08 3.10 -3.15
N LEU A 94 10.42 4.20 -2.51
CA LEU A 94 11.69 4.30 -1.78
C LEU A 94 11.82 3.24 -0.67
N HIS A 95 10.77 3.07 0.12
CA HIS A 95 10.80 2.05 1.18
C HIS A 95 11.01 0.62 0.58
N ASP A 96 10.28 0.30 -0.49
CA ASP A 96 10.41 -0.99 -1.18
C ASP A 96 11.84 -1.17 -1.66
N HIS A 97 12.43 -0.11 -2.21
CA HIS A 97 13.80 -0.18 -2.71
C HIS A 97 14.85 -0.33 -1.58
N THR A 98 14.73 0.44 -0.51
CA THR A 98 15.80 0.45 0.47
C THR A 98 15.75 -0.66 1.52
N CYS A 99 14.56 -1.21 1.76
CA CYS A 99 14.38 -2.25 2.75
C CYS A 99 15.14 -3.54 2.41
N THR A 100 15.50 -3.71 1.14
CA THR A 100 16.28 -4.88 0.73
C THR A 100 17.78 -4.71 1.01
N LEU A 101 18.16 -3.55 1.56
CA LEU A 101 19.58 -3.22 1.70
C LEU A 101 20.06 -3.01 3.13
N PHE A 102 19.14 -2.79 4.07
CA PHE A 102 19.49 -2.51 5.48
C PHE A 102 20.16 -3.67 6.21
N GLY A 103 19.78 -4.88 5.82
CA GLY A 103 20.20 -6.10 6.49
C GLY A 103 19.43 -6.34 7.78
N GLY A 104 19.76 -7.44 8.45
CA GLY A 104 19.10 -7.85 9.66
C GLY A 104 19.94 -7.64 10.90
N ASN A 105 19.73 -8.50 11.89
CA ASN A 105 20.51 -8.49 13.12
C ASN A 105 20.36 -7.15 13.85
N SER A 106 19.13 -6.68 13.92
CA SER A 106 18.86 -5.43 14.63
C SER A 106 19.17 -5.59 16.13
N LEU A 107 19.96 -4.66 16.67
CA LEU A 107 20.16 -4.54 18.12
C LEU A 107 20.49 -3.10 18.52
N GLN A 108 20.27 -2.80 19.78
CA GLN A 108 20.76 -1.56 20.34
C GLN A 108 22.22 -1.82 20.78
N ARG A 109 23.18 -1.50 19.89
CA ARG A 109 24.61 -1.78 20.14
C ARG A 109 25.31 -0.71 20.94
N GLY A 110 24.71 0.46 21.04
CA GLY A 110 25.31 1.52 21.82
C GLY A 110 26.48 2.24 21.15
N THR A 111 27.07 1.62 20.14
CA THR A 111 28.31 2.17 19.56
C THR A 111 27.99 2.99 18.31
N GLN A 112 29.00 3.68 17.77
CA GLN A 112 28.83 4.44 16.53
C GLN A 112 28.75 3.48 15.37
N PRO A 113 27.79 3.68 14.47
CA PRO A 113 27.66 2.82 13.29
C PRO A 113 28.74 3.17 12.28
N ASP A 114 28.95 2.33 11.28
CA ASP A 114 29.78 2.70 10.17
C ASP A 114 29.20 3.87 9.37
N LEU A 115 27.89 3.86 9.20
CA LEU A 115 27.17 4.95 8.51
C LEU A 115 25.76 5.13 9.07
N THR A 116 25.19 6.32 8.85
CA THR A 116 23.84 6.65 9.25
C THR A 116 23.06 7.02 7.99
N LEU A 117 21.81 6.55 7.92
CA LEU A 117 20.84 7.01 6.93
C LEU A 117 19.81 7.89 7.60
N VAL A 118 19.52 9.02 6.97
CA VAL A 118 18.45 9.90 7.44
C VAL A 118 17.40 9.99 6.34
N PHE A 119 16.21 9.49 6.63
CA PHE A 119 15.08 9.60 5.71
C PHE A 119 14.20 10.76 6.11
N ASP A 120 13.91 11.63 5.15
CA ASP A 120 13.00 12.75 5.41
C ASP A 120 11.59 12.19 5.35
N ARG A 121 11.02 11.95 6.54
CA ARG A 121 9.74 11.25 6.75
C ARG A 121 9.81 9.74 6.57
N HIS A 122 9.00 9.04 7.34
CA HIS A 122 8.68 7.64 7.17
C HIS A 122 7.36 7.55 6.36
N PRO A 123 7.07 6.44 5.68
CA PRO A 123 5.75 6.24 5.07
C PRO A 123 4.54 6.50 5.98
N VAL A 124 4.70 6.40 7.31
CA VAL A 124 3.59 6.66 8.24
C VAL A 124 3.03 8.10 8.12
N ALA A 125 3.87 9.06 7.71
CA ALA A 125 3.45 10.45 7.51
C ALA A 125 2.26 10.56 6.52
N SER A 126 2.43 9.96 5.34
CA SER A 126 1.53 10.14 4.21
C SER A 126 0.42 9.10 4.26
N THR A 127 0.65 7.99 4.94
CA THR A 127 -0.39 6.96 4.96
C THR A 127 -1.24 7.03 6.20
N VAL A 128 -0.74 7.69 7.23
CA VAL A 128 -1.44 7.70 8.51
C VAL A 128 -1.63 9.08 9.11
N CYS A 129 -0.53 9.79 9.39
CA CYS A 129 -0.59 11.07 10.10
C CYS A 129 -1.39 12.15 9.35
N PHE A 130 -1.03 12.41 8.10
CA PHE A 130 -1.67 13.49 7.37
C PHE A 130 -3.12 13.12 7.03
N PRO A 131 -3.39 11.88 6.58
CA PRO A 131 -4.77 11.40 6.45
C PRO A 131 -5.57 11.53 7.75
N ALA A 132 -4.97 11.17 8.89
CA ALA A 132 -5.64 11.29 10.17
C ALA A 132 -6.03 12.75 10.46
N ALA A 133 -5.08 13.68 10.26
CA ALA A 133 -5.39 15.10 10.43
C ALA A 133 -6.56 15.55 9.55
N ARG A 134 -6.54 15.15 8.28
CA ARG A 134 -7.59 15.53 7.32
C ARG A 134 -8.92 14.94 7.71
N TYR A 135 -8.94 13.70 8.20
CA TYR A 135 -10.16 13.09 8.70
C TYR A 135 -10.72 13.82 9.92
N LEU A 136 -9.85 14.14 10.87
CA LEU A 136 -10.25 14.86 12.07
C LEU A 136 -10.81 16.25 11.78
N LEU A 137 -10.36 16.87 10.69
CA LEU A 137 -10.87 18.18 10.29
C LEU A 137 -12.12 18.09 9.41
N GLY A 138 -12.62 16.86 9.18
CA GLY A 138 -13.79 16.61 8.36
C GLY A 138 -13.54 16.79 6.87
N ASP A 139 -12.27 16.70 6.44
CA ASP A 139 -11.91 16.88 5.03
C ASP A 139 -11.84 15.56 4.25
N MET A 140 -11.96 14.46 4.98
CA MET A 140 -11.80 13.12 4.45
C MET A 140 -12.68 12.23 5.33
N SER A 141 -13.25 11.18 4.77
CA SER A 141 -14.07 10.26 5.57
C SER A 141 -13.19 9.21 6.24
N MET A 142 -13.76 8.50 7.22
CA MET A 142 -13.13 7.34 7.81
C MET A 142 -12.81 6.25 6.76
N CYS A 143 -13.73 6.04 5.82
CA CYS A 143 -13.51 5.07 4.76
C CYS A 143 -12.24 5.41 3.97
N ALA A 144 -12.08 6.68 3.63
CA ALA A 144 -10.85 7.14 2.99
C ALA A 144 -9.63 6.97 3.89
N LEU A 145 -9.78 7.26 5.18
CA LEU A 145 -8.67 7.12 6.13
C LEU A 145 -8.19 5.65 6.20
N MET A 146 -9.13 4.71 6.30
CA MET A 146 -8.80 3.29 6.29
C MET A 146 -8.02 2.88 5.05
N ALA A 147 -8.46 3.39 3.90
CA ALA A 147 -7.85 3.06 2.63
C ALA A 147 -6.40 3.43 2.67
N MET A 148 -6.09 4.59 3.25
CA MET A 148 -4.72 5.05 3.37
C MET A 148 -3.92 4.27 4.41
N VAL A 149 -4.51 4.08 5.58
CA VAL A 149 -3.81 3.39 6.67
C VAL A 149 -3.43 1.98 6.22
N ALA A 150 -4.34 1.35 5.47
CA ALA A 150 -4.08 -0.02 5.00
C ALA A 150 -2.79 -0.15 4.14
N THR A 151 -2.37 0.94 3.50
CA THR A 151 -1.23 0.90 2.59
C THR A 151 0.11 1.21 3.31
N LEU A 152 0.08 1.51 4.60
CA LEU A 152 1.32 1.60 5.39
C LEU A 152 2.15 0.31 5.21
N PRO A 153 3.43 0.39 4.83
CA PRO A 153 4.27 -0.82 4.74
C PRO A 153 4.78 -1.22 6.13
N ARG A 154 4.95 -2.52 6.37
CA ARG A 154 5.57 -3.04 7.57
C ARG A 154 7.01 -2.56 7.64
N GLU A 155 7.38 -2.00 8.78
CA GLU A 155 8.79 -1.69 9.03
C GLU A 155 9.55 -2.97 9.43
N PRO A 156 10.60 -3.28 8.66
CA PRO A 156 11.47 -4.41 9.00
C PRO A 156 12.30 -4.03 10.22
N GLN A 157 12.94 -5.04 10.81
CA GLN A 157 13.72 -4.86 12.03
C GLN A 157 14.75 -3.72 11.90
N GLY A 158 14.92 -2.96 12.96
CA GLY A 158 15.97 -1.95 13.01
C GLY A 158 15.62 -0.51 12.74
N GLY A 159 14.35 -0.20 12.49
CA GLY A 159 13.97 1.19 12.23
C GLY A 159 14.09 2.10 13.44
N ASN A 160 14.47 3.36 13.23
CA ASN A 160 14.32 4.36 14.27
C ASN A 160 13.55 5.53 13.72
N ILE A 161 12.60 6.03 14.49
CA ILE A 161 11.89 7.21 14.05
C ILE A 161 12.12 8.33 15.06
N VAL A 162 12.44 9.52 14.54
CA VAL A 162 12.61 10.71 15.38
C VAL A 162 11.57 11.74 15.00
N VAL A 163 10.68 12.04 15.93
CA VAL A 163 9.62 12.98 15.67
C VAL A 163 10.10 14.32 16.17
N THR A 164 10.04 15.33 15.30
CA THR A 164 10.46 16.67 15.64
C THR A 164 9.38 17.37 16.45
N THR A 165 9.83 18.17 17.41
CA THR A 165 8.97 18.99 18.27
C THR A 165 9.52 20.41 18.39
N LEU A 166 8.63 21.34 18.71
CA LEU A 166 8.98 22.75 18.75
C LEU A 166 7.77 23.47 19.28
N ASN A 167 7.98 24.41 20.19
CA ASN A 167 6.92 25.31 20.65
C ASN A 167 6.22 25.96 19.45
N VAL A 168 4.89 26.04 19.51
CA VAL A 168 4.12 26.43 18.34
C VAL A 168 4.41 27.86 17.83
N GLU A 169 4.78 28.75 18.75
CA GLU A 169 5.09 30.15 18.40
C GLU A 169 6.24 30.23 17.41
N GLU A 170 7.33 29.50 17.71
CA GLU A 170 8.53 29.45 16.86
C GLU A 170 8.25 28.62 15.60
N HIS A 171 7.45 27.57 15.75
CA HIS A 171 6.96 26.81 14.59
C HIS A 171 6.30 27.74 13.56
N ILE A 172 5.31 28.53 13.98
CA ILE A 172 4.63 29.41 13.04
C ILE A 172 5.56 30.51 12.53
N ARG A 173 6.45 31.00 13.39
CA ARG A 173 7.46 31.96 12.96
C ARG A 173 8.32 31.42 11.82
N ARG A 174 8.79 30.19 11.95
CA ARG A 174 9.54 29.55 10.88
C ARG A 174 8.76 29.49 9.56
N LEU A 175 7.50 29.07 9.61
CA LEU A 175 6.63 29.15 8.44
C LEU A 175 6.44 30.56 7.86
N ARG A 176 6.37 31.56 8.74
CA ARG A 176 6.19 32.94 8.29
C ARG A 176 7.41 33.48 7.53
N THR A 177 8.61 33.36 8.11
CA THR A 177 9.84 33.87 7.47
C THR A 177 9.86 33.43 6.01
N ARG A 178 9.60 32.14 5.82
CA ARG A 178 9.67 31.49 4.53
C ARG A 178 8.54 31.95 3.59
N ALA A 179 7.34 32.15 4.14
CA ALA A 179 6.15 32.53 3.36
C ALA A 179 6.30 33.91 2.73
N ARG A 180 5.59 34.13 1.62
CA ARG A 180 5.66 35.37 0.84
C ARG A 180 5.59 36.66 1.69
N ILE A 181 4.57 37.47 1.46
CA ILE A 181 4.39 38.70 2.23
C ILE A 181 2.91 39.04 2.19
N GLY A 182 2.13 38.07 2.65
CA GLY A 182 0.69 38.18 2.74
C GLY A 182 0.07 36.78 2.64
N GLU A 183 0.94 35.78 2.47
CA GLU A 183 0.50 34.39 2.30
C GLU A 183 0.01 33.87 3.65
N GLN A 184 -1.20 33.33 3.66
CA GLN A 184 -1.80 32.77 4.87
C GLN A 184 -1.21 31.41 5.27
N ILE A 185 -1.34 31.06 6.55
CA ILE A 185 -0.91 29.77 7.05
C ILE A 185 -2.11 29.03 7.63
N ASP A 186 -2.24 27.75 7.26
CA ASP A 186 -3.38 26.93 7.69
C ASP A 186 -3.17 26.52 9.14
N ILE A 187 -3.40 27.46 10.05
CA ILE A 187 -3.12 27.25 11.46
C ILE A 187 -3.90 26.07 12.01
N THR A 188 -5.15 25.95 11.56
CA THR A 188 -6.03 24.87 12.02
C THR A 188 -5.47 23.48 11.63
N LEU A 189 -4.96 23.35 10.40
CA LEU A 189 -4.34 22.10 9.97
C LEU A 189 -3.07 21.82 10.79
N ILE A 190 -2.25 22.85 10.98
CA ILE A 190 -1.00 22.68 11.70
C ILE A 190 -1.25 22.28 13.15
N ALA A 191 -2.20 22.94 13.80
CA ALA A 191 -2.64 22.54 15.13
C ALA A 191 -3.03 21.05 15.23
N THR A 192 -3.78 20.56 14.24
CA THR A 192 -4.22 19.16 14.23
C THR A 192 -3.05 18.19 13.99
N LEU A 193 -2.18 18.53 13.05
CA LEU A 193 -1.01 17.69 12.74
C LEU A 193 -0.04 17.59 13.90
N ARG A 194 0.14 18.69 14.64
CA ARG A 194 0.94 18.64 15.85
C ARG A 194 0.38 17.65 16.85
N ASN A 195 -0.94 17.66 17.06
CA ASN A 195 -1.54 16.69 17.96
C ASN A 195 -1.36 15.27 17.42
N VAL A 196 -1.62 15.09 16.12
CA VAL A 196 -1.49 13.77 15.49
C VAL A 196 -0.09 13.17 15.65
N TYR A 197 0.95 14.00 15.50
CA TYR A 197 2.31 13.53 15.67
C TYR A 197 2.65 13.17 17.12
N PHE A 198 2.05 13.88 18.08
CA PHE A 198 2.12 13.46 19.46
C PHE A 198 1.41 12.10 19.66
N MET A 199 0.21 11.96 19.11
CA MET A 199 -0.45 10.65 19.09
C MET A 199 0.48 9.56 18.53
N LEU A 200 1.16 9.86 17.43
CA LEU A 200 2.13 8.92 16.86
C LEU A 200 3.20 8.53 17.90
N VAL A 201 3.86 9.54 18.48
CA VAL A 201 4.88 9.25 19.50
C VAL A 201 4.32 8.41 20.61
N ASN A 202 3.15 8.81 21.10
CA ASN A 202 2.50 8.09 22.20
C ASN A 202 2.17 6.65 21.83
N THR A 203 1.71 6.44 20.60
CA THR A 203 1.39 5.10 20.09
C THR A 203 2.63 4.17 20.19
N CYS A 204 3.77 4.67 19.74
CA CYS A 204 4.99 3.87 19.76
C CYS A 204 5.45 3.56 21.20
N HIS A 205 5.39 4.56 22.08
CA HIS A 205 5.71 4.35 23.49
C HIS A 205 4.76 3.28 24.04
N PHE A 206 3.46 3.41 23.72
CA PHE A 206 2.40 2.52 24.16
C PHE A 206 2.67 1.06 23.73
N LEU A 207 3.03 0.86 22.46
CA LEU A 207 3.39 -0.46 21.95
C LEU A 207 4.69 -1.03 22.54
N ARG A 208 5.66 -0.15 22.79
CA ARG A 208 6.94 -0.57 23.37
C ARG A 208 6.75 -1.06 24.81
N SER A 209 5.75 -0.52 25.51
CA SER A 209 5.42 -1.00 26.86
C SER A 209 4.70 -2.37 26.88
N GLY A 210 4.53 -2.99 25.72
CA GLY A 210 3.86 -4.27 25.62
C GLY A 210 2.32 -4.21 25.56
N ARG A 211 1.77 -3.01 25.60
CA ARG A 211 0.32 -2.86 25.44
C ARG A 211 -0.15 -2.98 23.98
N VAL A 212 -1.42 -3.32 23.81
CA VAL A 212 -2.07 -3.50 22.51
C VAL A 212 -3.31 -2.61 22.42
N TRP A 213 -3.80 -2.35 21.20
CA TRP A 213 -4.91 -1.39 21.02
C TRP A 213 -6.16 -1.80 21.80
N ARG A 214 -6.31 -3.10 22.04
CA ARG A 214 -7.40 -3.63 22.87
C ARG A 214 -7.30 -3.24 24.34
N ASP A 215 -6.12 -2.79 24.79
CA ASP A 215 -5.93 -2.44 26.21
C ASP A 215 -6.60 -1.12 26.56
N GLY A 216 -7.76 -1.19 27.22
CA GLY A 216 -8.52 -0.01 27.55
C GLY A 216 -9.56 0.37 26.50
N TRP A 217 -9.65 -0.42 25.44
CA TRP A 217 -10.59 -0.17 24.35
C TRP A 217 -12.04 -0.09 24.85
N GLY A 218 -12.46 -1.07 25.66
CA GLY A 218 -13.81 -1.08 26.22
C GLY A 218 -14.12 0.18 27.01
N GLU A 219 -13.21 0.54 27.92
CA GLU A 219 -13.40 1.69 28.82
C GLU A 219 -13.37 3.05 28.11
N LEU A 220 -12.71 3.10 26.96
CA LEU A 220 -12.58 4.32 26.15
C LEU A 220 -13.92 4.83 25.63
N PRO A 221 -14.17 6.13 25.79
CA PRO A 221 -15.35 6.77 25.19
C PRO A 221 -15.31 6.70 23.66
N THR A 222 -16.46 6.55 23.00
CA THR A 222 -16.46 6.57 21.54
C THR A 222 -15.99 7.92 21.05
N SER A 223 -15.17 7.90 20.01
CA SER A 223 -14.53 9.12 19.54
C SER A 223 -15.39 9.86 18.52
N CYS A 224 -16.26 10.73 19.02
CA CYS A 224 -17.27 11.42 18.21
C CYS A 224 -16.92 12.90 18.02
N GLY A 225 -17.95 13.75 18.06
CA GLY A 225 -17.79 15.18 17.89
C GLY A 225 -16.80 15.82 18.86
N ALA A 226 -16.92 15.48 20.14
CA ALA A 226 -16.04 16.04 21.17
C ALA A 226 -14.58 15.64 20.96
N TYR A 227 -14.36 14.39 20.55
CA TYR A 227 -13.00 13.90 20.37
C TYR A 227 -12.34 14.70 19.26
N LYS A 228 -13.06 14.88 18.16
CA LYS A 228 -12.56 15.60 17.00
C LYS A 228 -12.25 17.07 17.34
N HIS A 229 -13.06 17.69 18.21
CA HIS A 229 -12.74 19.04 18.72
C HIS A 229 -11.41 19.08 19.47
N ARG A 230 -11.25 18.18 20.43
CA ARG A 230 -10.01 18.11 21.19
C ARG A 230 -8.81 17.84 20.26
N ALA A 231 -9.03 17.00 19.24
CA ALA A 231 -7.97 16.62 18.31
C ALA A 231 -7.47 17.78 17.44
N THR A 232 -8.32 18.78 17.18
CA THR A 232 -7.92 19.95 16.40
C THR A 232 -7.47 21.12 17.27
N GLN A 233 -7.57 20.94 18.59
CA GLN A 233 -7.32 22.00 19.56
C GLN A 233 -5.81 22.21 19.80
N MET A 234 -5.34 23.43 19.58
CA MET A 234 -3.91 23.78 19.72
C MET A 234 -3.36 23.33 21.09
N ASP A 235 -2.23 22.62 21.06
CA ASP A 235 -1.56 22.11 22.27
C ASP A 235 -2.36 21.08 23.08
N ALA A 236 -3.40 20.48 22.49
CA ALA A 236 -4.24 19.58 23.28
C ALA A 236 -3.54 18.28 23.64
N PHE A 237 -2.68 17.79 22.75
CA PHE A 237 -1.93 16.57 23.03
C PHE A 237 -0.47 16.87 23.30
N GLN A 238 0.21 15.93 23.95
CA GLN A 238 1.65 16.04 24.19
C GLN A 238 2.28 14.67 24.27
N GLU A 239 3.62 14.64 24.34
CA GLU A 239 4.34 13.38 24.55
C GLU A 239 4.11 12.88 25.98
N ARG A 240 3.58 11.67 26.12
CA ARG A 240 3.29 11.11 27.43
C ARG A 240 4.39 10.21 27.97
N VAL A 241 4.75 10.43 29.22
CA VAL A 241 5.63 9.51 29.94
C VAL A 241 5.00 8.10 29.90
N SER A 242 3.75 8.01 30.31
CA SER A 242 3.07 6.72 30.32
C SER A 242 1.74 6.83 29.59
N PRO A 243 1.75 6.75 28.25
CA PRO A 243 0.52 6.98 27.48
C PRO A 243 -0.58 5.99 27.84
N GLU A 244 -1.81 6.45 27.82
CA GLU A 244 -2.99 5.59 27.88
C GLU A 244 -3.47 5.43 26.43
N LEU A 245 -4.46 4.57 26.22
CA LEU A 245 -5.03 4.38 24.89
C LEU A 245 -5.54 5.67 24.23
N GLY A 246 -6.21 6.52 25.01
CA GLY A 246 -6.75 7.77 24.50
C GLY A 246 -5.74 8.82 24.06
N ASP A 247 -4.47 8.59 24.39
CA ASP A 247 -3.35 9.43 23.95
C ASP A 247 -2.77 9.00 22.60
N THR A 248 -3.21 7.84 22.12
CA THR A 248 -2.63 7.22 20.91
C THR A 248 -3.49 7.40 19.67
N LEU A 249 -2.92 7.00 18.53
CA LEU A 249 -3.62 6.95 17.26
C LEU A 249 -4.80 5.96 17.28
N PHE A 250 -4.74 4.93 18.10
CA PHE A 250 -5.81 3.94 18.12
C PHE A 250 -7.20 4.50 18.47
N ALA A 251 -7.22 5.52 19.34
CA ALA A 251 -8.45 6.07 19.93
C ALA A 251 -9.45 6.62 18.90
N LEU A 252 -8.95 7.25 17.85
CA LEU A 252 -9.83 7.84 16.83
C LEU A 252 -10.64 6.78 16.07
N PHE A 253 -10.19 5.52 16.15
CA PHE A 253 -10.87 4.41 15.49
C PHE A 253 -12.09 3.84 16.23
N LYS A 254 -12.25 4.14 17.51
CA LYS A 254 -13.50 3.76 18.19
C LYS A 254 -14.62 4.74 17.82
N THR A 255 -15.13 4.63 16.60
CA THR A 255 -16.22 5.47 16.10
C THR A 255 -17.33 4.59 15.59
N GLN A 256 -18.55 5.13 15.61
CA GLN A 256 -19.75 4.37 15.23
C GLN A 256 -19.65 3.75 13.83
N GLU A 257 -19.07 4.49 12.88
CA GLU A 257 -18.78 4.01 11.52
C GLU A 257 -18.11 2.62 11.45
N LEU A 258 -17.38 2.25 12.49
CA LEU A 258 -16.61 1.00 12.50
C LEU A 258 -17.19 -0.05 13.46
N LEU A 259 -18.31 0.26 14.10
CA LEU A 259 -18.91 -0.65 15.08
C LEU A 259 -20.22 -1.27 14.59
N ASP A 260 -20.59 -2.42 15.17
CA ASP A 260 -21.88 -3.04 14.87
C ASP A 260 -23.04 -2.35 15.64
N ASP A 261 -24.17 -3.04 15.76
CA ASP A 261 -25.33 -2.52 16.49
C ASP A 261 -25.01 -2.44 17.97
N ARG A 262 -24.35 -3.47 18.50
CA ARG A 262 -23.98 -3.51 19.92
C ARG A 262 -22.77 -2.62 20.25
N GLY A 263 -22.32 -1.83 19.29
CA GLY A 263 -21.15 -0.97 19.49
C GLY A 263 -19.83 -1.73 19.63
N VAL A 264 -19.79 -2.92 19.05
CA VAL A 264 -18.59 -3.74 18.99
C VAL A 264 -17.95 -3.55 17.61
N ILE A 265 -16.65 -3.30 17.60
CA ILE A 265 -15.88 -3.13 16.35
C ILE A 265 -15.97 -4.41 15.51
N LEU A 266 -16.25 -4.26 14.22
CA LEU A 266 -16.24 -5.40 13.29
C LEU A 266 -14.85 -6.01 13.23
N GLU A 267 -14.79 -7.32 13.03
CA GLU A 267 -13.52 -8.03 13.03
C GLU A 267 -12.60 -7.52 11.93
N VAL A 268 -13.14 -7.19 10.76
CA VAL A 268 -12.33 -6.67 9.64
C VAL A 268 -11.60 -5.36 10.01
N HIS A 269 -12.24 -4.51 10.82
CA HIS A 269 -11.67 -3.26 11.28
C HIS A 269 -10.65 -3.48 12.37
N ALA A 270 -10.97 -4.40 13.28
CA ALA A 270 -10.03 -4.89 14.26
C ALA A 270 -8.76 -5.44 13.61
N TRP A 271 -8.90 -6.18 12.51
CA TRP A 271 -7.72 -6.66 11.77
C TRP A 271 -6.90 -5.49 11.23
N ALA A 272 -7.57 -4.45 10.76
CA ALA A 272 -6.87 -3.28 10.25
C ALA A 272 -6.01 -2.65 11.36
N LEU A 273 -6.55 -2.60 12.57
CA LEU A 273 -5.82 -2.08 13.72
C LEU A 273 -4.67 -2.98 14.15
N ASP A 274 -4.85 -4.30 14.02
CA ASP A 274 -3.76 -5.25 14.33
C ASP A 274 -2.60 -5.03 13.40
N ALA A 275 -2.93 -4.84 12.12
CA ALA A 275 -1.94 -4.60 11.09
C ALA A 275 -1.19 -3.31 11.37
N LEU A 276 -1.91 -2.24 11.72
CA LEU A 276 -1.25 -0.95 12.03
C LEU A 276 -0.25 -1.12 13.17
N MET A 277 -0.70 -1.80 14.20
CA MET A 277 0.06 -2.11 15.37
C MET A 277 1.34 -2.90 15.03
N LEU A 278 1.22 -3.93 14.19
CA LEU A 278 2.38 -4.73 13.83
C LEU A 278 3.36 -3.97 12.92
N LYS A 279 2.81 -3.12 12.06
CA LYS A 279 3.63 -2.37 11.11
C LYS A 279 4.50 -1.33 11.80
N LEU A 280 4.06 -0.89 12.97
CA LEU A 280 4.78 0.11 13.76
C LEU A 280 5.81 -0.49 14.74
N ARG A 281 5.75 -1.82 14.92
CA ARG A 281 6.53 -2.49 15.96
C ARG A 281 8.01 -2.22 15.86
N ASN A 282 8.56 -2.30 14.65
CA ASN A 282 10.00 -2.17 14.49
C ASN A 282 10.51 -0.73 14.39
N LEU A 283 9.71 0.20 14.91
CA LEU A 283 10.10 1.58 14.95
C LEU A 283 10.45 2.00 16.37
N ASN A 284 11.75 2.09 16.62
CA ASN A 284 12.31 2.56 17.89
C ASN A 284 12.11 4.08 17.91
N VAL A 285 11.32 4.56 18.88
CA VAL A 285 10.79 5.92 18.80
C VAL A 285 11.50 6.93 19.70
N PHE A 286 11.76 8.12 19.15
CA PHE A 286 12.38 9.23 19.85
C PHE A 286 11.71 10.51 19.42
N SER A 287 11.80 11.54 20.26
CA SER A 287 11.46 12.89 19.84
C SER A 287 12.67 13.80 19.97
N ALA A 288 12.67 14.90 19.23
CA ALA A 288 13.80 15.79 19.26
C ALA A 288 13.31 17.22 19.14
N ASP A 289 13.65 18.03 20.12
CA ASP A 289 13.34 19.45 20.07
C ASP A 289 14.26 20.18 19.09
N LEU A 290 13.65 20.99 18.23
CA LEU A 290 14.41 21.70 17.21
C LEU A 290 14.52 23.23 17.42
N SER A 291 14.54 23.68 18.67
CA SER A 291 14.59 25.13 18.91
C SER A 291 15.97 25.75 18.71
N GLY A 292 17.04 24.93 18.73
CA GLY A 292 18.39 25.43 18.48
C GLY A 292 18.64 25.80 17.02
N THR A 293 19.88 26.19 16.70
CA THR A 293 20.31 26.46 15.31
C THR A 293 20.28 25.13 14.54
N PRO A 294 20.30 25.15 13.20
CA PRO A 294 20.43 23.89 12.43
C PRO A 294 21.60 23.00 12.87
N ARG A 295 22.78 23.58 13.15
CA ARG A 295 23.93 22.83 13.68
C ARG A 295 23.60 22.10 15.00
N GLN A 296 23.01 22.84 15.93
CA GLN A 296 22.54 22.26 17.19
C GLN A 296 21.42 21.20 17.02
N CYS A 297 20.45 21.45 16.13
CA CYS A 297 19.42 20.44 15.84
C CYS A 297 20.02 19.13 15.34
N ALA A 298 20.97 19.22 14.42
CA ALA A 298 21.65 18.02 13.91
C ALA A 298 22.36 17.31 15.05
N ALA A 299 22.95 18.08 15.95
CA ALA A 299 23.70 17.47 17.06
C ALA A 299 22.76 16.78 18.04
N VAL A 300 21.60 17.39 18.30
CA VAL A 300 20.56 16.80 19.17
C VAL A 300 20.13 15.43 18.61
N VAL A 301 19.80 15.37 17.32
CA VAL A 301 19.38 14.11 16.70
C VAL A 301 20.51 13.07 16.75
N GLU A 302 21.72 13.47 16.36
CA GLU A 302 22.88 12.55 16.34
C GLU A 302 23.28 12.04 17.74
N SER A 303 22.99 12.82 18.79
CA SER A 303 23.29 12.39 20.16
C SER A 303 22.46 11.16 20.59
N LEU A 304 21.41 10.87 19.81
CA LEU A 304 20.53 9.73 20.08
C LEU A 304 21.08 8.39 19.60
N LEU A 305 22.13 8.40 18.79
CA LEU A 305 22.63 7.17 18.18
C LEU A 305 22.94 6.00 19.16
N PRO A 306 23.58 6.26 20.31
CA PRO A 306 23.85 5.17 21.28
C PRO A 306 22.58 4.46 21.76
N LEU A 307 21.42 5.11 21.62
CA LEU A 307 20.14 4.51 22.00
C LEU A 307 19.40 3.83 20.83
N MET A 308 19.90 4.02 19.61
CA MET A 308 19.18 3.55 18.43
C MET A 308 19.53 2.13 18.04
N SER A 309 18.60 1.47 17.36
CA SER A 309 18.81 0.18 16.73
C SER A 309 19.76 0.34 15.53
N SER A 310 20.68 -0.62 15.38
CA SER A 310 21.48 -0.73 14.15
C SER A 310 21.27 -2.10 13.53
N THR A 311 21.54 -2.21 12.24
CA THR A 311 21.50 -3.49 11.57
C THR A 311 22.87 -3.79 10.99
N LEU A 312 23.02 -5.03 10.53
CA LEU A 312 24.25 -5.50 9.93
C LEU A 312 24.00 -5.70 8.45
N SER A 313 24.60 -4.81 7.68
CA SER A 313 24.50 -4.88 6.24
C SER A 313 25.88 -5.22 5.72
N ASP A 314 26.09 -5.03 4.42
CA ASP A 314 27.41 -5.24 3.85
C ASP A 314 27.78 -4.14 2.92
N PHE A 315 29.02 -4.20 2.45
CA PHE A 315 29.61 -3.15 1.64
C PHE A 315 28.88 -2.94 0.31
N ASP A 316 28.43 -4.03 -0.30
CA ASP A 316 27.72 -3.93 -1.56
C ASP A 316 26.35 -3.25 -1.39
N SER A 317 25.62 -3.66 -0.35
CA SER A 317 24.33 -3.03 -0.02
C SER A 317 24.45 -1.60 0.45
N ALA A 318 25.45 -1.30 1.29
CA ALA A 318 25.77 0.08 1.68
C ALA A 318 26.12 0.91 0.45
N SER A 319 26.90 0.35 -0.46
CA SER A 319 27.19 1.00 -1.76
C SER A 319 25.91 1.24 -2.55
N ALA A 320 25.01 0.27 -2.58
CA ALA A 320 23.72 0.48 -3.24
C ALA A 320 22.88 1.60 -2.56
N LEU A 321 22.95 1.69 -1.24
CA LEU A 321 22.27 2.77 -0.51
C LEU A 321 22.81 4.17 -0.86
N GLU A 322 24.12 4.30 -0.96
CA GLU A 322 24.78 5.52 -1.41
C GLU A 322 24.30 5.90 -2.83
N ARG A 323 24.27 4.94 -3.75
CA ARG A 323 23.74 5.23 -5.11
C ARG A 323 22.28 5.64 -5.04
N ALA A 324 21.51 4.96 -4.19
CA ALA A 324 20.10 5.28 -4.01
C ALA A 324 19.91 6.70 -3.50
N ALA A 325 20.73 7.09 -2.53
CA ALA A 325 20.69 8.44 -1.98
C ALA A 325 21.06 9.46 -3.06
N ARG A 326 22.13 9.18 -3.80
CA ARG A 326 22.59 10.08 -4.87
C ARG A 326 21.50 10.30 -5.93
N THR A 327 20.89 9.20 -6.35
CA THR A 327 19.83 9.18 -7.36
C THR A 327 18.54 9.88 -6.90
N PHE A 328 18.13 9.56 -5.67
CA PHE A 328 16.91 10.13 -5.14
C PHE A 328 17.06 11.64 -4.95
N ASN A 329 18.24 12.07 -4.48
CA ASN A 329 18.51 13.49 -4.34
C ASN A 329 18.45 14.24 -5.68
N ALA A 330 19.05 13.63 -6.72
CA ALA A 330 19.04 14.20 -8.07
C ALA A 330 17.65 14.25 -8.70
N GLU A 331 16.94 13.12 -8.67
CA GLU A 331 15.66 13.00 -9.38
C GLU A 331 14.52 13.70 -8.65
N MET A 332 14.66 13.91 -7.34
CA MET A 332 13.60 14.54 -6.55
C MET A 332 13.71 16.07 -6.40
N GLY A 333 14.86 16.60 -6.80
CA GLY A 333 15.13 18.03 -6.78
C GLY A 333 14.23 18.80 -7.74
N VAL A 334 13.91 20.03 -7.32
CA VAL A 334 13.09 21.00 -8.07
C VAL A 334 12.36 20.47 -9.32
N SER B 2 1.67 -32.57 17.75
CA SER B 2 3.15 -32.34 17.64
C SER B 2 3.56 -31.68 16.33
N HIS B 3 3.04 -32.22 15.21
CA HIS B 3 3.50 -31.85 13.87
C HIS B 3 2.68 -30.75 13.15
N MET B 4 2.86 -30.67 11.84
CA MET B 4 2.51 -29.50 11.07
C MET B 4 1.28 -29.73 10.20
N VAL B 5 0.65 -28.65 9.77
CA VAL B 5 -0.43 -28.74 8.78
C VAL B 5 0.13 -28.31 7.41
N THR B 6 -0.06 -29.16 6.42
CA THR B 6 0.22 -28.85 5.04
C THR B 6 -0.93 -28.00 4.48
N ILE B 7 -0.59 -26.83 3.93
CA ILE B 7 -1.58 -25.91 3.38
C ILE B 7 -1.25 -25.61 1.91
N VAL B 8 -2.26 -25.66 1.04
CA VAL B 8 -2.15 -25.08 -0.30
C VAL B 8 -3.13 -23.92 -0.36
N ARG B 9 -2.63 -22.74 -0.72
CA ARG B 9 -3.50 -21.58 -0.90
C ARG B 9 -3.57 -21.21 -2.37
N ILE B 10 -4.78 -20.91 -2.80
CA ILE B 10 -5.08 -20.52 -4.19
C ILE B 10 -5.79 -19.18 -4.18
N TYR B 11 -5.29 -18.25 -4.97
CA TYR B 11 -6.06 -17.07 -5.33
C TYR B 11 -6.68 -17.35 -6.71
N LEU B 12 -8.01 -17.50 -6.74
CA LEU B 12 -8.78 -17.58 -7.96
C LEU B 12 -9.03 -16.15 -8.48
N ASP B 13 -8.50 -15.81 -9.66
CA ASP B 13 -8.57 -14.42 -10.10
C ASP B 13 -8.93 -14.36 -11.59
N GLY B 14 -9.32 -13.18 -12.06
CA GLY B 14 -9.70 -13.05 -13.45
C GLY B 14 -10.73 -11.97 -13.70
N VAL B 15 -11.08 -11.78 -14.97
CA VAL B 15 -12.08 -10.77 -15.34
C VAL B 15 -13.40 -11.16 -14.68
N TYR B 16 -14.18 -10.17 -14.25
CA TYR B 16 -15.47 -10.44 -13.63
C TYR B 16 -16.42 -11.07 -14.65
N GLY B 17 -17.36 -11.88 -14.16
CA GLY B 17 -18.35 -12.51 -15.01
C GLY B 17 -17.99 -13.85 -15.63
N ILE B 18 -16.75 -14.32 -15.41
CA ILE B 18 -16.29 -15.62 -15.94
C ILE B 18 -16.83 -16.82 -15.14
N GLY B 19 -17.00 -16.70 -13.83
CA GLY B 19 -17.48 -17.79 -12.98
C GLY B 19 -16.60 -18.19 -11.81
N LYS B 20 -15.64 -17.31 -11.48
CA LYS B 20 -14.65 -17.56 -10.43
C LYS B 20 -15.29 -17.81 -9.05
N SER B 21 -16.20 -16.91 -8.65
CA SER B 21 -16.83 -17.03 -7.33
C SER B 21 -17.65 -18.32 -7.21
N THR B 22 -18.44 -18.61 -8.26
CA THR B 22 -19.22 -19.84 -8.34
C THR B 22 -18.32 -21.06 -8.18
N THR B 23 -17.21 -21.06 -8.90
CA THR B 23 -16.26 -22.17 -8.84
C THR B 23 -15.72 -22.35 -7.43
N GLY B 24 -15.27 -21.25 -6.84
CA GLY B 24 -14.76 -21.23 -5.48
C GLY B 24 -15.71 -21.76 -4.43
N ARG B 25 -16.98 -21.40 -4.52
CA ARG B 25 -17.99 -21.89 -3.57
C ARG B 25 -18.15 -23.42 -3.69
N VAL B 26 -18.23 -23.91 -4.92
CA VAL B 26 -18.35 -25.35 -5.18
C VAL B 26 -17.17 -26.13 -4.55
N MET B 27 -15.95 -25.67 -4.85
CA MET B 27 -14.73 -26.25 -4.28
C MET B 27 -14.80 -26.34 -2.75
N ALA B 28 -15.37 -25.31 -2.13
CA ALA B 28 -15.48 -25.23 -0.69
C ALA B 28 -16.66 -26.03 -0.13
N SER B 29 -17.55 -26.48 -1.02
CA SER B 29 -18.77 -27.15 -0.61
C SER B 29 -18.50 -28.58 -0.17
N ALA B 30 -19.03 -28.95 1.00
CA ALA B 30 -18.85 -30.27 1.59
C ALA B 30 -19.23 -31.43 0.64
N ALA B 31 -19.93 -31.09 -0.44
CA ALA B 31 -20.23 -32.02 -1.54
C ALA B 31 -18.97 -32.58 -2.19
N SER B 32 -17.82 -32.00 -1.87
CA SER B 32 -16.54 -32.48 -2.37
C SER B 32 -15.40 -32.27 -1.37
N PRO B 36 -10.60 -30.85 3.00
CA PRO B 36 -11.09 -29.70 3.79
C PRO B 36 -10.63 -28.39 3.16
N THR B 37 -11.61 -27.62 2.65
CA THR B 37 -11.36 -26.43 1.84
C THR B 37 -12.12 -25.22 2.38
N LEU B 38 -11.40 -24.11 2.55
CA LEU B 38 -12.00 -22.84 2.97
C LEU B 38 -12.07 -21.86 1.78
N TYR B 39 -13.13 -21.07 1.73
CA TYR B 39 -13.33 -20.10 0.68
C TYR B 39 -13.46 -18.68 1.26
N PHE B 40 -12.65 -17.76 0.76
CA PHE B 40 -12.74 -16.33 1.17
C PHE B 40 -13.39 -15.54 0.05
N PRO B 41 -14.63 -15.07 0.27
CA PRO B 41 -15.41 -14.43 -0.80
C PRO B 41 -14.86 -13.06 -1.22
N GLU B 42 -15.36 -12.48 -2.30
CA GLU B 42 -15.09 -11.07 -2.61
C GLU B 42 -15.63 -10.26 -1.42
N PRO B 43 -14.93 -9.18 -1.02
CA PRO B 43 -15.36 -8.37 0.13
C PRO B 43 -16.50 -7.40 -0.24
N MET B 44 -17.62 -7.98 -0.70
CA MET B 44 -18.75 -7.20 -1.19
C MET B 44 -19.28 -6.17 -0.19
N ALA B 45 -19.54 -6.57 1.05
CA ALA B 45 -20.11 -5.63 2.04
C ALA B 45 -19.17 -4.45 2.35
N TYR B 46 -17.86 -4.68 2.33
CA TYR B 46 -16.90 -3.63 2.56
C TYR B 46 -16.98 -2.60 1.42
N TRP B 47 -17.12 -3.11 0.20
CA TRP B 47 -17.25 -2.27 -0.97
C TRP B 47 -18.61 -1.54 -1.05
N ARG B 48 -19.67 -2.19 -0.59
CA ARG B 48 -21.03 -1.74 -0.90
C ARG B 48 -21.87 -1.19 0.26
N THR B 49 -21.81 -1.85 1.41
CA THR B 49 -22.71 -1.50 2.50
C THR B 49 -22.04 -0.99 3.79
N LEU B 50 -20.79 -1.36 4.08
CA LEU B 50 -20.21 -1.06 5.39
C LEU B 50 -19.98 0.43 5.58
N PHE B 51 -19.83 1.15 4.48
CA PHE B 51 -19.64 2.59 4.53
C PHE B 51 -20.78 3.29 3.74
N GLU B 52 -20.83 4.62 3.80
CA GLU B 52 -21.92 5.37 3.20
C GLU B 52 -21.88 5.31 1.68
N THR B 53 -20.70 5.11 1.12
CA THR B 53 -20.56 5.02 -0.33
C THR B 53 -20.37 3.59 -0.84
N ASP B 54 -21.01 3.27 -1.96
CA ASP B 54 -20.85 1.99 -2.65
C ASP B 54 -19.84 2.25 -3.77
N VAL B 55 -18.69 1.57 -3.72
CA VAL B 55 -17.62 1.84 -4.67
C VAL B 55 -17.86 1.32 -6.09
N ILE B 56 -18.63 0.23 -6.21
CA ILE B 56 -18.95 -0.31 -7.53
C ILE B 56 -19.87 0.63 -8.34
N SER B 57 -20.95 1.10 -7.72
CA SER B 57 -21.81 2.07 -8.42
C SER B 57 -21.13 3.42 -8.54
N GLY B 58 -20.30 3.76 -7.55
CA GLY B 58 -19.54 4.98 -7.57
C GLY B 58 -18.63 5.03 -8.77
N ILE B 59 -17.88 3.96 -9.01
CA ILE B 59 -16.93 3.97 -10.11
C ILE B 59 -17.62 4.04 -11.47
N TYR B 60 -18.74 3.33 -11.63
CA TYR B 60 -19.58 3.41 -12.85
C TYR B 60 -20.27 4.78 -12.98
N ASP B 61 -20.93 5.23 -11.91
CA ASP B 61 -21.54 6.56 -11.83
C ASP B 61 -20.59 7.69 -12.28
N THR B 62 -19.31 7.59 -11.90
CA THR B 62 -18.28 8.55 -12.29
C THR B 62 -18.09 8.64 -13.82
N GLN B 63 -18.03 7.49 -14.49
CA GLN B 63 -17.94 7.47 -15.95
C GLN B 63 -19.26 7.91 -16.59
N ASN B 64 -20.37 7.64 -15.91
CA ASN B 64 -21.69 8.08 -16.35
C ASN B 64 -21.79 9.61 -16.34
N ARG B 65 -21.43 10.21 -15.20
CA ARG B 65 -21.43 11.66 -15.04
C ARG B 65 -20.30 12.34 -15.81
N LYS B 66 -19.32 11.55 -16.26
CA LYS B 66 -18.30 12.02 -17.18
C LYS B 66 -18.92 12.16 -18.57
N GLN B 67 -19.65 11.13 -19.00
CA GLN B 67 -20.36 11.13 -20.28
C GLN B 67 -21.42 12.22 -20.36
N GLN B 68 -22.24 12.32 -19.30
CA GLN B 68 -23.31 13.31 -19.25
C GLN B 68 -22.78 14.75 -19.07
N GLY B 69 -21.46 14.91 -19.04
CA GLY B 69 -20.83 16.22 -18.99
C GLY B 69 -20.94 16.93 -17.65
N ASN B 70 -21.56 16.27 -16.67
CA ASN B 70 -21.68 16.83 -15.32
C ASN B 70 -20.37 16.78 -14.54
N LEU B 71 -19.47 15.89 -14.95
CA LEU B 71 -18.13 15.75 -14.36
C LEU B 71 -17.05 16.16 -15.37
N ALA B 72 -16.22 17.12 -14.97
CA ALA B 72 -15.32 17.84 -15.87
C ALA B 72 -14.21 17.04 -16.58
N VAL B 73 -14.37 15.72 -16.66
CA VAL B 73 -13.26 14.81 -16.93
C VAL B 73 -12.27 15.14 -15.83
N ASP B 74 -10.97 15.22 -16.13
CA ASP B 74 -9.95 15.64 -15.17
C ASP B 74 -10.27 15.23 -13.74
N ASP B 75 -11.35 15.80 -13.18
CA ASP B 75 -11.89 15.42 -11.88
C ASP B 75 -12.36 13.95 -11.84
N ALA B 76 -12.99 13.49 -12.92
CA ALA B 76 -13.41 12.09 -13.07
C ALA B 76 -12.23 11.13 -12.92
N ALA B 77 -11.13 11.43 -13.59
CA ALA B 77 -9.92 10.60 -13.54
C ALA B 77 -9.42 10.47 -12.10
N LEU B 78 -9.49 11.57 -11.36
CA LEU B 78 -9.09 11.60 -9.95
C LEU B 78 -10.05 10.83 -9.06
N ILE B 79 -11.35 11.01 -9.29
CA ILE B 79 -12.37 10.32 -8.52
C ILE B 79 -12.38 8.80 -8.84
N THR B 80 -12.24 8.48 -10.13
CA THR B 80 -12.07 7.10 -10.60
C THR B 80 -10.92 6.42 -9.83
N ALA B 81 -9.78 7.10 -9.74
CA ALA B 81 -8.61 6.57 -9.04
C ALA B 81 -8.93 6.33 -7.59
N HIS B 82 -9.67 7.25 -6.96
CA HIS B 82 -9.98 7.11 -5.55
C HIS B 82 -10.89 5.92 -5.28
N TYR B 83 -11.90 5.71 -6.13
CA TYR B 83 -12.78 4.56 -6.02
C TYR B 83 -12.02 3.24 -6.19
N GLN B 84 -11.12 3.25 -7.15
CA GLN B 84 -10.22 2.13 -7.38
C GLN B 84 -9.31 1.84 -6.16
N SER B 85 -8.82 2.89 -5.48
CA SER B 85 -8.09 2.70 -4.22
C SER B 85 -8.95 1.98 -3.18
N ARG B 86 -10.22 2.39 -3.09
CA ARG B 86 -11.13 1.82 -2.11
C ARG B 86 -11.43 0.33 -2.34
N PHE B 87 -11.37 -0.10 -3.60
CA PHE B 87 -11.49 -1.53 -3.89
C PHE B 87 -10.39 -2.33 -3.15
N THR B 88 -9.18 -1.77 -3.07
CA THR B 88 -8.05 -2.56 -2.58
C THR B 88 -8.12 -2.78 -1.09
N THR B 89 -8.68 -1.80 -0.37
CA THR B 89 -8.57 -1.79 1.09
C THR B 89 -8.81 -3.14 1.78
N PRO B 90 -9.98 -3.76 1.57
CA PRO B 90 -10.26 -5.03 2.22
C PRO B 90 -9.34 -6.18 1.78
N TYR B 91 -8.79 -6.11 0.57
CA TYR B 91 -7.81 -7.09 0.13
C TYR B 91 -6.51 -6.92 0.92
N LEU B 92 -6.12 -5.66 1.13
CA LEU B 92 -4.91 -5.34 1.91
C LEU B 92 -5.06 -5.81 3.36
N ILE B 93 -6.24 -5.58 3.93
CA ILE B 93 -6.54 -6.01 5.30
C ILE B 93 -6.53 -7.54 5.44
N LEU B 94 -7.18 -8.24 4.50
CA LEU B 94 -7.19 -9.71 4.54
C LEU B 94 -5.77 -10.27 4.36
N HIS B 95 -5.04 -9.74 3.38
CA HIS B 95 -3.66 -10.17 3.12
C HIS B 95 -2.76 -9.95 4.36
N ASP B 96 -2.83 -8.75 4.94
CA ASP B 96 -2.13 -8.50 6.20
C ASP B 96 -2.50 -9.49 7.32
N HIS B 97 -3.77 -9.89 7.39
CA HIS B 97 -4.22 -10.76 8.46
C HIS B 97 -3.78 -12.22 8.25
N THR B 98 -3.80 -12.68 7.00
CA THR B 98 -3.50 -14.08 6.71
C THR B 98 -2.04 -14.40 6.41
N CYS B 99 -1.27 -13.41 5.96
CA CYS B 99 0.10 -13.70 5.52
C CYS B 99 1.07 -14.30 6.56
N THR B 100 0.84 -14.05 7.84
CA THR B 100 1.63 -14.65 8.91
C THR B 100 1.28 -16.10 9.21
N LEU B 101 0.12 -16.53 8.73
CA LEU B 101 -0.47 -17.79 9.18
C LEU B 101 -0.16 -19.01 8.30
N PHE B 102 0.27 -18.79 7.07
CA PHE B 102 0.43 -19.87 6.09
C PHE B 102 1.61 -20.77 6.42
N GLY B 103 2.61 -20.23 7.10
CA GLY B 103 3.83 -20.96 7.37
C GLY B 103 4.83 -20.90 6.23
N GLY B 104 5.94 -21.61 6.39
CA GLY B 104 7.03 -21.58 5.43
C GLY B 104 7.22 -22.91 4.74
N ASN B 105 8.45 -23.19 4.29
CA ASN B 105 8.78 -24.45 3.64
C ASN B 105 7.95 -24.67 2.36
N SER B 106 7.84 -23.62 1.56
CA SER B 106 7.14 -23.71 0.29
C SER B 106 7.82 -24.76 -0.59
N LEU B 107 7.01 -25.71 -1.08
CA LEU B 107 7.52 -26.82 -1.89
C LEU B 107 6.37 -27.36 -2.70
N GLN B 108 6.67 -27.86 -3.90
CA GLN B 108 5.71 -28.63 -4.67
C GLN B 108 5.82 -30.11 -4.27
N ARG B 109 4.98 -30.54 -3.35
CA ARG B 109 5.08 -31.87 -2.76
C ARG B 109 4.26 -32.89 -3.54
N GLY B 110 3.37 -32.41 -4.40
CA GLY B 110 2.52 -33.28 -5.20
C GLY B 110 1.50 -34.11 -4.44
N THR B 111 1.14 -33.70 -3.23
CA THR B 111 0.21 -34.46 -2.40
C THR B 111 -1.08 -33.67 -2.18
N GLN B 112 -2.05 -34.32 -1.54
CA GLN B 112 -3.24 -33.60 -1.09
C GLN B 112 -2.85 -32.90 0.20
N PRO B 113 -3.14 -31.60 0.29
CA PRO B 113 -2.83 -30.84 1.50
C PRO B 113 -3.82 -31.19 2.61
N ASP B 114 -3.44 -30.94 3.86
CA ASP B 114 -4.31 -31.11 5.01
C ASP B 114 -5.39 -30.05 4.97
N LEU B 115 -5.09 -28.93 4.32
CA LEU B 115 -5.99 -27.78 4.26
C LEU B 115 -5.78 -26.99 2.96
N THR B 116 -6.89 -26.69 2.29
CA THR B 116 -6.85 -25.91 1.04
C THR B 116 -7.53 -24.56 1.28
N LEU B 117 -6.88 -23.48 0.89
CA LEU B 117 -7.53 -22.17 0.99
C LEU B 117 -7.77 -21.63 -0.40
N VAL B 118 -9.00 -21.16 -0.64
CA VAL B 118 -9.35 -20.53 -1.90
C VAL B 118 -9.74 -19.08 -1.65
N PHE B 119 -8.92 -18.16 -2.15
CA PHE B 119 -9.18 -16.73 -2.00
C PHE B 119 -9.74 -16.22 -3.29
N ASP B 120 -10.83 -15.47 -3.18
CA ASP B 120 -11.46 -14.89 -4.34
C ASP B 120 -10.76 -13.61 -4.72
N ARG B 121 -9.89 -13.73 -5.72
CA ARG B 121 -8.95 -12.69 -6.14
C ARG B 121 -7.76 -12.56 -5.17
N HIS B 122 -6.62 -12.20 -5.75
CA HIS B 122 -5.40 -11.81 -5.06
C HIS B 122 -5.43 -10.28 -5.01
N PRO B 123 -4.72 -9.62 -4.07
CA PRO B 123 -4.56 -8.16 -4.14
C PRO B 123 -4.07 -7.58 -5.49
N VAL B 124 -3.34 -8.34 -6.29
CA VAL B 124 -2.91 -7.83 -7.59
C VAL B 124 -4.14 -7.39 -8.44
N ALA B 125 -5.29 -8.00 -8.22
CA ALA B 125 -6.50 -7.62 -9.00
C ALA B 125 -6.85 -6.13 -8.83
N SER B 126 -6.97 -5.67 -7.60
CA SER B 126 -7.37 -4.27 -7.35
C SER B 126 -6.24 -3.25 -7.35
N THR B 127 -4.99 -3.70 -7.11
CA THR B 127 -3.86 -2.78 -7.09
C THR B 127 -3.18 -2.62 -8.45
N VAL B 128 -3.33 -3.61 -9.34
CA VAL B 128 -2.62 -3.62 -10.62
C VAL B 128 -3.54 -3.84 -11.84
N CYS B 129 -4.34 -4.91 -11.82
CA CYS B 129 -5.06 -5.34 -13.02
C CYS B 129 -6.18 -4.40 -13.38
N PHE B 130 -7.09 -4.17 -12.45
CA PHE B 130 -8.15 -3.23 -12.72
C PHE B 130 -7.63 -1.80 -12.96
N PRO B 131 -6.71 -1.30 -12.13
CA PRO B 131 -6.05 -0.01 -12.40
C PRO B 131 -5.40 0.07 -13.78
N ALA B 132 -4.62 -0.93 -14.20
CA ALA B 132 -3.98 -0.95 -15.52
C ALA B 132 -5.02 -0.84 -16.65
N ALA B 133 -6.10 -1.59 -16.54
CA ALA B 133 -7.21 -1.49 -17.51
C ALA B 133 -7.79 -0.08 -17.58
N ARG B 134 -8.09 0.52 -16.44
CA ARG B 134 -8.60 1.90 -16.43
C ARG B 134 -7.64 2.87 -17.10
N TYR B 135 -6.34 2.70 -16.84
CA TYR B 135 -5.31 3.50 -17.50
C TYR B 135 -5.30 3.34 -19.03
N LEU B 136 -5.31 2.08 -19.48
CA LEU B 136 -5.25 1.77 -20.90
C LEU B 136 -6.46 2.36 -21.62
N LEU B 137 -7.60 2.39 -20.94
CA LEU B 137 -8.84 2.94 -21.46
C LEU B 137 -8.93 4.48 -21.42
N GLY B 138 -7.97 5.14 -20.78
CA GLY B 138 -8.00 6.58 -20.62
C GLY B 138 -8.89 7.07 -19.47
N ASP B 139 -9.29 6.18 -18.56
CA ASP B 139 -10.08 6.60 -17.41
C ASP B 139 -9.21 7.04 -16.23
N MET B 140 -7.91 6.82 -16.31
CA MET B 140 -6.99 7.07 -15.20
C MET B 140 -5.60 7.36 -15.77
N SER B 141 -4.83 8.17 -15.07
CA SER B 141 -3.47 8.50 -15.54
C SER B 141 -2.41 7.49 -15.11
N MET B 142 -1.21 7.59 -15.71
CA MET B 142 -0.05 6.78 -15.31
C MET B 142 0.31 7.05 -13.84
N CYS B 143 0.21 8.34 -13.45
CA CYS B 143 0.44 8.74 -12.05
C CYS B 143 -0.53 8.02 -11.12
N ALA B 144 -1.81 7.95 -11.50
CA ALA B 144 -2.79 7.25 -10.68
C ALA B 144 -2.50 5.74 -10.67
N LEU B 145 -2.09 5.20 -11.81
CA LEU B 145 -1.74 3.79 -11.88
C LEU B 145 -0.54 3.48 -10.95
N MET B 146 0.53 4.28 -11.02
CA MET B 146 1.68 4.12 -10.12
C MET B 146 1.24 4.06 -8.67
N ALA B 147 0.32 4.95 -8.30
CA ALA B 147 -0.14 5.03 -6.93
C ALA B 147 -0.77 3.73 -6.47
N MET B 148 -1.55 3.08 -7.35
CA MET B 148 -2.16 1.78 -7.01
C MET B 148 -1.13 0.66 -7.00
N VAL B 149 -0.26 0.64 -8.01
CA VAL B 149 0.71 -0.44 -8.18
C VAL B 149 1.68 -0.51 -6.97
N ALA B 150 2.13 0.67 -6.50
CA ALA B 150 3.03 0.75 -5.35
C ALA B 150 2.46 0.11 -4.07
N THR B 151 1.12 0.03 -3.94
CA THR B 151 0.46 -0.56 -2.76
C THR B 151 0.26 -2.06 -2.85
N LEU B 152 0.71 -2.68 -3.94
CA LEU B 152 0.70 -4.14 -4.03
C LEU B 152 1.56 -4.68 -2.89
N PRO B 153 1.04 -5.63 -2.12
CA PRO B 153 1.83 -6.27 -1.06
C PRO B 153 2.70 -7.39 -1.61
N ARG B 154 3.83 -7.66 -0.96
CA ARG B 154 4.70 -8.75 -1.37
C ARG B 154 4.02 -10.07 -0.98
N GLU B 155 3.98 -11.02 -1.92
CA GLU B 155 3.44 -12.33 -1.62
C GLU B 155 4.56 -13.15 -0.96
N PRO B 156 4.29 -13.72 0.21
CA PRO B 156 5.29 -14.57 0.83
C PRO B 156 5.29 -15.93 0.13
N GLN B 157 6.26 -16.75 0.49
CA GLN B 157 6.48 -17.99 -0.22
C GLN B 157 5.25 -18.87 -0.21
N GLY B 158 5.05 -19.61 -1.29
CA GLY B 158 4.02 -20.61 -1.37
C GLY B 158 2.74 -20.19 -2.07
N GLY B 159 2.68 -18.97 -2.60
CA GLY B 159 1.47 -18.53 -3.27
C GLY B 159 1.19 -19.27 -4.59
N ASN B 160 -0.11 -19.49 -4.88
CA ASN B 160 -0.55 -20.00 -6.18
C ASN B 160 -1.66 -19.10 -6.70
N ILE B 161 -1.54 -18.65 -7.94
CA ILE B 161 -2.62 -17.90 -8.53
C ILE B 161 -3.18 -18.69 -9.71
N VAL B 162 -4.51 -18.78 -9.75
CA VAL B 162 -5.22 -19.42 -10.86
C VAL B 162 -6.07 -18.38 -11.57
N VAL B 163 -5.61 -18.01 -12.76
CA VAL B 163 -6.30 -17.01 -13.58
C VAL B 163 -7.33 -17.74 -14.44
N THR B 164 -8.59 -17.37 -14.29
CA THR B 164 -9.66 -18.02 -15.04
C THR B 164 -9.68 -17.54 -16.50
N THR B 165 -9.98 -18.46 -17.42
CA THR B 165 -10.22 -18.11 -18.82
C THR B 165 -11.56 -18.68 -19.29
N LEU B 166 -12.08 -18.03 -20.33
CA LEU B 166 -13.36 -18.37 -20.93
C LEU B 166 -13.45 -17.72 -22.31
N ASN B 167 -13.96 -18.47 -23.29
CA ASN B 167 -14.21 -17.92 -24.62
C ASN B 167 -15.17 -16.74 -24.54
N VAL B 168 -15.00 -15.77 -25.44
CA VAL B 168 -15.74 -14.50 -25.37
C VAL B 168 -17.27 -14.67 -25.36
N GLU B 169 -17.79 -15.60 -26.18
CA GLU B 169 -19.25 -15.78 -26.33
C GLU B 169 -19.90 -16.22 -25.03
N GLU B 170 -19.32 -17.22 -24.38
CA GLU B 170 -19.83 -17.67 -23.11
C GLU B 170 -19.60 -16.61 -22.01
N HIS B 171 -18.51 -15.86 -22.09
CA HIS B 171 -18.27 -14.78 -21.11
C HIS B 171 -19.38 -13.74 -21.20
N ILE B 172 -19.71 -13.33 -22.42
CA ILE B 172 -20.80 -12.38 -22.63
C ILE B 172 -22.13 -12.96 -22.14
N ARG B 173 -22.39 -14.22 -22.47
CA ARG B 173 -23.59 -14.92 -21.97
C ARG B 173 -23.67 -14.82 -20.45
N ARG B 174 -22.57 -15.16 -19.78
CA ARG B 174 -22.53 -15.14 -18.32
C ARG B 174 -22.63 -13.74 -17.73
N LEU B 175 -22.03 -12.74 -18.40
CA LEU B 175 -22.12 -11.34 -17.93
C LEU B 175 -23.59 -10.91 -17.94
N ARG B 176 -24.30 -11.29 -19.00
CA ARG B 176 -25.75 -11.12 -19.07
C ARG B 176 -26.49 -11.69 -17.86
N THR B 177 -25.95 -12.76 -17.24
CA THR B 177 -26.65 -13.45 -16.15
C THR B 177 -26.42 -12.97 -14.70
N ARG B 178 -25.42 -12.11 -14.47
CA ARG B 178 -25.16 -11.67 -13.08
C ARG B 178 -26.21 -10.67 -12.56
N ALA B 179 -26.44 -10.73 -11.25
CA ALA B 179 -27.38 -9.86 -10.56
C ALA B 179 -27.03 -8.38 -10.75
N ARG B 180 -28.07 -7.54 -10.77
CA ARG B 180 -27.91 -6.10 -10.96
C ARG B 180 -27.39 -5.43 -9.69
N ILE B 181 -26.21 -4.83 -9.79
CA ILE B 181 -25.56 -4.18 -8.65
C ILE B 181 -25.35 -2.70 -8.96
N GLY B 182 -25.50 -2.34 -10.23
CA GLY B 182 -25.14 -1.01 -10.70
C GLY B 182 -23.71 -0.99 -11.20
N GLU B 183 -23.19 -2.17 -11.56
CA GLU B 183 -21.82 -2.31 -12.05
C GLU B 183 -21.69 -1.86 -13.50
N GLN B 184 -20.51 -1.36 -13.85
CA GLN B 184 -20.20 -1.02 -15.25
C GLN B 184 -20.05 -2.30 -16.07
N ILE B 185 -20.93 -2.47 -17.05
CA ILE B 185 -20.86 -3.59 -17.98
C ILE B 185 -20.55 -3.01 -19.36
N ASP B 186 -19.31 -3.19 -19.77
CA ASP B 186 -18.78 -2.50 -20.91
C ASP B 186 -17.83 -3.47 -21.58
N ILE B 187 -18.12 -3.76 -22.85
CA ILE B 187 -17.34 -4.73 -23.60
C ILE B 187 -15.92 -4.25 -23.90
N THR B 188 -15.68 -2.94 -23.98
CA THR B 188 -14.31 -2.46 -24.18
C THR B 188 -13.53 -2.68 -22.88
N LEU B 189 -14.20 -2.44 -21.75
CA LEU B 189 -13.63 -2.70 -20.41
C LEU B 189 -13.28 -4.19 -20.29
N ILE B 190 -14.24 -5.06 -20.62
CA ILE B 190 -14.05 -6.52 -20.63
C ILE B 190 -12.90 -6.93 -21.53
N ALA B 191 -12.83 -6.40 -22.75
CA ALA B 191 -11.76 -6.75 -23.68
C ALA B 191 -10.42 -6.41 -23.04
N THR B 192 -10.36 -5.21 -22.49
CA THR B 192 -9.13 -4.70 -21.89
C THR B 192 -8.78 -5.54 -20.69
N LEU B 193 -9.74 -5.82 -19.83
CA LEU B 193 -9.46 -6.65 -18.65
C LEU B 193 -8.92 -8.00 -19.03
N ARG B 194 -9.53 -8.60 -20.06
CA ARG B 194 -9.11 -9.91 -20.54
C ARG B 194 -7.64 -9.86 -20.99
N ASN B 195 -7.26 -8.78 -21.68
CA ASN B 195 -5.89 -8.64 -22.14
C ASN B 195 -4.94 -8.47 -20.95
N VAL B 196 -5.35 -7.67 -19.96
CA VAL B 196 -4.51 -7.37 -18.77
C VAL B 196 -4.26 -8.63 -17.94
N TYR B 197 -5.27 -9.49 -17.84
CA TYR B 197 -5.09 -10.75 -17.15
C TYR B 197 -4.22 -11.74 -17.91
N PHE B 198 -4.25 -11.70 -19.25
CA PHE B 198 -3.21 -12.42 -20.00
C PHE B 198 -1.83 -11.82 -19.72
N MET B 199 -1.72 -10.49 -19.68
CA MET B 199 -0.43 -9.83 -19.39
C MET B 199 0.11 -10.31 -18.06
N LEU B 200 -0.77 -10.43 -17.06
CA LEU B 200 -0.43 -10.94 -15.72
C LEU B 200 0.11 -12.35 -15.77
N VAL B 201 -0.64 -13.25 -16.41
CA VAL B 201 -0.19 -14.64 -16.59
C VAL B 201 1.17 -14.66 -17.28
N ASN B 202 1.30 -13.92 -18.39
CA ASN B 202 2.57 -13.81 -19.11
C ASN B 202 3.72 -13.23 -18.27
N THR B 203 3.42 -12.28 -17.39
CA THR B 203 4.44 -11.70 -16.52
C THR B 203 5.01 -12.78 -15.61
N CYS B 204 4.11 -13.54 -15.00
CA CYS B 204 4.49 -14.65 -14.15
C CYS B 204 5.33 -15.72 -14.88
N HIS B 205 4.90 -16.13 -16.08
CA HIS B 205 5.69 -17.06 -16.94
C HIS B 205 7.07 -16.46 -17.30
N PHE B 206 7.08 -15.16 -17.60
CA PHE B 206 8.29 -14.41 -17.97
C PHE B 206 9.32 -14.48 -16.84
N LEU B 207 8.85 -14.22 -15.61
CA LEU B 207 9.74 -14.20 -14.44
C LEU B 207 10.23 -15.61 -14.08
N ARG B 208 9.33 -16.59 -14.09
CA ARG B 208 9.70 -17.98 -13.82
C ARG B 208 10.68 -18.50 -14.88
N SER B 209 10.64 -17.95 -16.09
CA SER B 209 11.61 -18.29 -17.12
C SER B 209 13.03 -17.75 -16.87
N GLY B 210 13.21 -17.01 -15.76
CA GLY B 210 14.50 -16.49 -15.36
C GLY B 210 14.84 -15.11 -15.93
N ARG B 211 13.89 -14.50 -16.63
CA ARG B 211 14.07 -13.14 -17.13
C ARG B 211 13.60 -12.04 -16.15
N VAL B 212 14.07 -10.82 -16.38
CA VAL B 212 13.70 -9.67 -15.56
C VAL B 212 13.24 -8.57 -16.51
N TRP B 213 12.54 -7.56 -15.98
CA TRP B 213 11.92 -6.54 -16.84
C TRP B 213 12.88 -5.77 -17.77
N ARG B 214 14.15 -5.66 -17.38
CA ARG B 214 15.17 -5.04 -18.24
C ARG B 214 15.54 -5.92 -19.46
N ASP B 215 15.31 -7.24 -19.37
CA ASP B 215 15.60 -8.14 -20.50
C ASP B 215 14.68 -7.85 -21.69
N GLY B 216 15.22 -7.14 -22.66
CA GLY B 216 14.47 -6.73 -23.85
C GLY B 216 13.86 -5.33 -23.75
N TRP B 217 14.18 -4.61 -22.68
CA TRP B 217 13.63 -3.27 -22.46
C TRP B 217 14.12 -2.28 -23.51
N GLY B 218 15.41 -2.31 -23.80
CA GLY B 218 16.01 -1.48 -24.84
C GLY B 218 15.32 -1.58 -26.19
N GLU B 219 15.21 -2.80 -26.71
CA GLU B 219 14.60 -3.04 -28.02
C GLU B 219 13.07 -2.81 -28.05
N LEU B 220 12.43 -2.81 -26.88
CA LEU B 220 11.00 -2.58 -26.79
C LEU B 220 10.66 -1.17 -27.27
N PRO B 221 9.66 -1.06 -28.14
CA PRO B 221 9.18 0.25 -28.59
C PRO B 221 8.49 0.98 -27.45
N THR B 222 8.53 2.32 -27.48
CA THR B 222 7.81 3.15 -26.53
C THR B 222 6.30 2.90 -26.60
N SER B 223 5.67 2.75 -25.43
CA SER B 223 4.27 2.36 -25.34
C SER B 223 3.32 3.55 -25.19
N CYS B 224 2.94 4.17 -26.30
CA CYS B 224 2.11 5.38 -26.26
C CYS B 224 0.65 5.12 -26.63
N GLY B 225 0.05 6.04 -27.38
CA GLY B 225 -1.32 5.93 -27.86
C GLY B 225 -1.60 4.64 -28.62
N ALA B 226 -0.67 4.24 -29.49
CA ALA B 226 -0.82 3.02 -30.28
C ALA B 226 -0.86 1.79 -29.38
N TYR B 227 0.05 1.72 -28.42
CA TYR B 227 0.09 0.61 -27.48
C TYR B 227 -1.24 0.49 -26.74
N LYS B 228 -1.72 1.60 -26.19
CA LYS B 228 -2.99 1.62 -25.42
C LYS B 228 -4.19 1.17 -26.27
N HIS B 229 -4.23 1.57 -27.54
CA HIS B 229 -5.30 1.16 -28.46
C HIS B 229 -5.35 -0.36 -28.59
N ARG B 230 -4.19 -0.96 -28.86
CA ARG B 230 -4.06 -2.39 -29.05
C ARG B 230 -4.45 -3.22 -27.79
N ALA B 231 -4.08 -2.72 -26.63
CA ALA B 231 -4.45 -3.33 -25.34
C ALA B 231 -5.95 -3.29 -25.02
N THR B 232 -6.71 -2.46 -25.74
CA THR B 232 -8.17 -2.41 -25.58
C THR B 232 -8.92 -3.27 -26.62
N GLN B 233 -8.17 -3.93 -27.50
CA GLN B 233 -8.72 -4.72 -28.61
C GLN B 233 -8.95 -6.14 -28.10
N MET B 234 -10.16 -6.67 -28.28
CA MET B 234 -10.48 -8.05 -27.93
C MET B 234 -9.53 -9.02 -28.59
N ASP B 235 -8.95 -9.90 -27.75
CA ASP B 235 -8.01 -10.95 -28.17
C ASP B 235 -6.65 -10.47 -28.67
N ALA B 236 -6.32 -9.22 -28.41
CA ALA B 236 -4.98 -8.71 -28.73
C ALA B 236 -3.86 -9.39 -27.95
N PHE B 237 -4.19 -9.93 -26.77
CA PHE B 237 -3.21 -10.66 -25.95
C PHE B 237 -3.74 -12.06 -25.72
N GLN B 238 -2.84 -12.98 -25.38
CA GLN B 238 -3.21 -14.34 -25.05
C GLN B 238 -2.11 -14.89 -24.14
N GLU B 239 -2.34 -16.07 -23.56
CA GLU B 239 -1.31 -16.71 -22.74
C GLU B 239 -0.20 -17.28 -23.63
N ARG B 240 1.04 -16.89 -23.37
CA ARG B 240 2.16 -17.35 -24.21
C ARG B 240 3.07 -18.36 -23.53
N VAL B 241 3.60 -19.31 -24.30
CA VAL B 241 4.52 -20.30 -23.75
C VAL B 241 5.79 -19.59 -23.21
N SER B 242 6.57 -19.08 -24.15
CA SER B 242 7.67 -18.21 -23.83
C SER B 242 7.20 -16.82 -24.21
N PRO B 243 6.76 -16.02 -23.24
CA PRO B 243 6.35 -14.64 -23.52
C PRO B 243 7.54 -13.74 -23.85
N GLU B 244 7.27 -12.77 -24.71
CA GLU B 244 8.15 -11.64 -24.92
C GLU B 244 7.86 -10.60 -23.82
N LEU B 245 8.82 -9.71 -23.57
CA LEU B 245 8.61 -8.56 -22.70
C LEU B 245 7.32 -7.82 -23.04
N GLY B 246 7.11 -7.60 -24.34
CA GLY B 246 5.91 -6.97 -24.88
C GLY B 246 4.58 -7.65 -24.54
N ASP B 247 4.63 -8.90 -24.06
CA ASP B 247 3.43 -9.66 -23.69
C ASP B 247 3.04 -9.50 -22.21
N THR B 248 3.92 -8.85 -21.44
CA THR B 248 3.78 -8.77 -19.99
C THR B 248 3.29 -7.38 -19.53
N LEU B 249 3.06 -7.26 -18.22
CA LEU B 249 2.66 -6.01 -17.60
C LEU B 249 3.72 -4.93 -17.64
N PHE B 250 4.99 -5.35 -17.72
CA PHE B 250 6.11 -4.41 -17.72
C PHE B 250 6.10 -3.44 -18.91
N ALA B 251 5.56 -3.89 -20.04
CA ALA B 251 5.63 -3.14 -21.30
C ALA B 251 4.85 -1.84 -21.30
N LEU B 252 3.71 -1.83 -20.63
CA LEU B 252 2.91 -0.62 -20.56
C LEU B 252 3.59 0.53 -19.80
N PHE B 253 4.65 0.21 -19.05
CA PHE B 253 5.41 1.25 -18.32
C PHE B 253 6.51 1.95 -19.13
N LYS B 254 6.84 1.42 -20.32
CA LYS B 254 7.80 2.14 -21.17
C LYS B 254 7.05 3.24 -21.94
N THR B 255 6.60 4.29 -21.22
CA THR B 255 5.95 5.46 -21.79
C THR B 255 6.76 6.72 -21.52
N GLN B 256 6.53 7.74 -22.34
CA GLN B 256 7.22 9.04 -22.27
C GLN B 256 7.15 9.73 -20.91
N GLU B 257 5.97 9.67 -20.28
CA GLU B 257 5.74 10.17 -18.92
C GLU B 257 6.80 9.68 -17.91
N LEU B 258 7.39 8.51 -18.16
CA LEU B 258 8.25 7.88 -17.19
C LEU B 258 9.73 7.92 -17.58
N LEU B 259 10.01 8.47 -18.76
CA LEU B 259 11.39 8.61 -19.24
C LEU B 259 11.92 10.06 -19.16
N ASP B 260 13.24 10.22 -19.08
CA ASP B 260 13.84 11.55 -19.19
C ASP B 260 13.87 11.99 -20.66
N ASP B 261 14.51 13.12 -20.96
CA ASP B 261 14.66 13.62 -22.33
C ASP B 261 15.33 12.59 -23.24
N ARG B 262 16.38 11.94 -22.73
CA ARG B 262 17.20 11.02 -23.51
C ARG B 262 16.54 9.65 -23.74
N GLY B 263 15.27 9.52 -23.34
CA GLY B 263 14.50 8.30 -23.50
C GLY B 263 14.67 7.26 -22.40
N VAL B 264 15.40 7.59 -21.35
CA VAL B 264 15.75 6.62 -20.32
C VAL B 264 14.81 6.73 -19.12
N ILE B 265 14.22 5.58 -18.74
CA ILE B 265 13.34 5.51 -17.56
C ILE B 265 14.07 6.07 -16.36
N LEU B 266 13.37 6.89 -15.59
CA LEU B 266 13.91 7.38 -14.32
C LEU B 266 14.17 6.22 -13.37
N GLU B 267 15.17 6.37 -12.51
CA GLU B 267 15.55 5.33 -11.59
C GLU B 267 14.42 5.03 -10.61
N VAL B 268 13.71 6.07 -10.17
CA VAL B 268 12.61 5.91 -9.23
C VAL B 268 11.47 5.06 -9.85
N HIS B 269 11.26 5.19 -11.16
CA HIS B 269 10.24 4.39 -11.83
C HIS B 269 10.74 2.95 -12.08
N ALA B 270 12.03 2.83 -12.38
CA ALA B 270 12.69 1.54 -12.44
C ALA B 270 12.55 0.78 -11.11
N TRP B 271 12.72 1.50 -9.99
CA TRP B 271 12.49 0.89 -8.67
C TRP B 271 11.06 0.38 -8.52
N ALA B 272 10.11 1.14 -9.02
CA ALA B 272 8.70 0.74 -8.96
C ALA B 272 8.49 -0.59 -9.71
N LEU B 273 9.18 -0.76 -10.84
CA LEU B 273 9.12 -2.03 -11.57
C LEU B 273 9.86 -3.17 -10.88
N ASP B 274 11.00 -2.87 -10.24
CA ASP B 274 11.71 -3.90 -9.48
C ASP B 274 10.80 -4.41 -8.38
N ALA B 275 10.10 -3.48 -7.72
CA ALA B 275 9.21 -3.85 -6.63
C ALA B 275 8.11 -4.75 -7.16
N LEU B 276 7.49 -4.34 -8.27
CA LEU B 276 6.43 -5.14 -8.88
C LEU B 276 6.93 -6.55 -9.20
N MET B 277 8.13 -6.63 -9.76
CA MET B 277 8.74 -7.91 -10.08
C MET B 277 8.94 -8.82 -8.87
N LEU B 278 9.49 -8.25 -7.78
CA LEU B 278 9.76 -9.00 -6.55
C LEU B 278 8.47 -9.47 -5.88
N LYS B 279 7.45 -8.61 -5.90
CA LYS B 279 6.19 -8.94 -5.23
C LYS B 279 5.44 -10.07 -5.92
N LEU B 280 5.68 -10.28 -7.22
CA LEU B 280 5.00 -11.35 -7.97
C LEU B 280 5.71 -12.68 -7.94
N ARG B 281 6.98 -12.65 -7.50
CA ARG B 281 7.89 -13.80 -7.54
C ARG B 281 7.34 -15.06 -6.92
N ASN B 282 6.70 -14.93 -5.78
CA ASN B 282 6.20 -16.11 -5.08
C ASN B 282 4.80 -16.56 -5.54
N LEU B 283 4.33 -16.05 -6.68
CA LEU B 283 3.07 -16.58 -7.22
C LEU B 283 3.30 -17.63 -8.30
N ASN B 284 3.10 -18.89 -7.94
CA ASN B 284 3.07 -20.00 -8.88
C ASN B 284 1.80 -19.82 -9.73
N VAL B 285 1.95 -19.61 -11.03
CA VAL B 285 0.81 -19.27 -11.89
C VAL B 285 0.22 -20.44 -12.69
N PHE B 286 -1.10 -20.47 -12.76
CA PHE B 286 -1.85 -21.48 -13.50
C PHE B 286 -3.00 -20.76 -14.18
N SER B 287 -3.55 -21.37 -15.21
CA SER B 287 -4.81 -20.91 -15.79
C SER B 287 -5.81 -22.06 -15.86
N ALA B 288 -7.09 -21.73 -15.73
CA ALA B 288 -8.20 -22.68 -15.71
C ALA B 288 -9.33 -22.20 -16.62
N ASP B 289 -9.67 -23.01 -17.62
CA ASP B 289 -10.84 -22.73 -18.44
C ASP B 289 -12.10 -23.09 -17.69
N LEU B 290 -13.07 -22.18 -17.70
CA LEU B 290 -14.30 -22.37 -16.97
C LEU B 290 -15.54 -22.61 -17.88
N SER B 291 -15.33 -23.18 -19.06
CA SER B 291 -16.46 -23.42 -19.99
C SER B 291 -17.43 -24.49 -19.50
N GLY B 292 -16.99 -25.34 -18.58
CA GLY B 292 -17.85 -26.39 -18.05
C GLY B 292 -18.92 -25.90 -17.10
N THR B 293 -19.62 -26.86 -16.50
CA THR B 293 -20.56 -26.58 -15.41
C THR B 293 -19.77 -26.21 -14.16
N PRO B 294 -20.44 -25.64 -13.16
CA PRO B 294 -19.76 -25.33 -11.89
C PRO B 294 -18.99 -26.54 -11.33
N ARG B 295 -19.58 -27.74 -11.40
CA ARG B 295 -18.92 -28.94 -10.87
C ARG B 295 -17.66 -29.29 -11.66
N GLN B 296 -17.75 -29.22 -12.99
CA GLN B 296 -16.58 -29.43 -13.85
C GLN B 296 -15.49 -28.37 -13.67
N CYS B 297 -15.93 -27.13 -13.43
CA CYS B 297 -15.03 -26.01 -13.19
C CYS B 297 -14.20 -26.23 -11.93
N ALA B 298 -14.87 -26.62 -10.85
CA ALA B 298 -14.18 -26.90 -9.60
C ALA B 298 -13.21 -28.08 -9.75
N ALA B 299 -13.61 -29.09 -10.52
CA ALA B 299 -12.75 -30.25 -10.82
C ALA B 299 -11.48 -29.83 -11.58
N VAL B 300 -11.65 -28.93 -12.55
CA VAL B 300 -10.52 -28.36 -13.27
C VAL B 300 -9.51 -27.70 -12.32
N VAL B 301 -10.00 -26.84 -11.44
CA VAL B 301 -9.13 -26.21 -10.44
C VAL B 301 -8.52 -27.25 -9.50
N GLU B 302 -9.34 -28.20 -9.04
CA GLU B 302 -8.84 -29.22 -8.13
C GLU B 302 -7.73 -30.09 -8.75
N SER B 303 -7.85 -30.36 -10.05
CA SER B 303 -6.85 -31.16 -10.74
C SER B 303 -5.48 -30.46 -10.76
N LEU B 304 -5.45 -29.17 -10.43
CA LEU B 304 -4.21 -28.41 -10.33
C LEU B 304 -3.51 -28.55 -9.00
N LEU B 305 -4.25 -28.97 -7.96
CA LEU B 305 -3.72 -29.02 -6.58
C LEU B 305 -2.39 -29.74 -6.42
N PRO B 306 -2.25 -30.94 -7.00
CA PRO B 306 -0.99 -31.68 -6.89
C PRO B 306 0.18 -31.02 -7.62
N LEU B 307 -0.07 -29.97 -8.41
CA LEU B 307 0.97 -29.17 -9.08
C LEU B 307 1.42 -27.96 -8.27
N MET B 308 0.67 -27.66 -7.21
CA MET B 308 0.81 -26.38 -6.49
C MET B 308 1.83 -26.45 -5.35
N SER B 309 2.37 -25.29 -5.00
CA SER B 309 3.19 -25.10 -3.79
C SER B 309 2.34 -25.28 -2.55
N SER B 310 2.88 -26.00 -1.56
CA SER B 310 2.31 -26.10 -0.22
C SER B 310 3.28 -25.51 0.79
N THR B 311 2.76 -24.99 1.90
CA THR B 311 3.60 -24.53 3.00
C THR B 311 3.35 -25.41 4.22
N LEU B 312 4.22 -25.31 5.21
CA LEU B 312 3.99 -26.00 6.49
C LEU B 312 3.62 -25.01 7.60
N SER B 313 2.39 -25.13 8.08
CA SER B 313 1.94 -24.27 9.17
C SER B 313 1.64 -25.14 10.40
N ASP B 314 1.48 -24.53 11.57
CA ASP B 314 1.13 -25.32 12.76
C ASP B 314 -0.38 -25.37 13.01
N PHE B 315 -0.79 -26.18 13.99
CA PHE B 315 -2.22 -26.39 14.25
C PHE B 315 -2.92 -25.11 14.62
N ASP B 316 -2.31 -24.32 15.49
CA ASP B 316 -2.90 -23.08 15.94
C ASP B 316 -3.10 -22.06 14.77
N SER B 317 -2.14 -21.98 13.84
CA SER B 317 -2.28 -21.09 12.68
C SER B 317 -3.41 -21.51 11.75
N ALA B 318 -3.49 -22.80 11.48
CA ALA B 318 -4.56 -23.37 10.67
C ALA B 318 -5.92 -23.08 11.27
N SER B 319 -6.00 -23.17 12.59
CA SER B 319 -7.22 -22.84 13.32
C SER B 319 -7.60 -21.37 13.15
N ALA B 320 -6.60 -20.48 13.22
CA ALA B 320 -6.84 -19.06 13.00
C ALA B 320 -7.34 -18.81 11.57
N LEU B 321 -6.79 -19.55 10.61
CA LEU B 321 -7.26 -19.48 9.23
C LEU B 321 -8.73 -19.89 9.11
N GLU B 322 -9.12 -21.01 9.75
CA GLU B 322 -10.54 -21.39 9.76
C GLU B 322 -11.41 -20.28 10.34
N ARG B 323 -10.95 -19.66 11.43
CA ARG B 323 -11.70 -18.57 12.06
C ARG B 323 -11.75 -17.35 11.13
N ALA B 324 -10.65 -17.11 10.42
CA ALA B 324 -10.57 -15.99 9.49
C ALA B 324 -11.58 -16.15 8.36
N ALA B 325 -11.65 -17.35 7.77
CA ALA B 325 -12.63 -17.59 6.69
C ALA B 325 -14.07 -17.47 7.20
N ARG B 326 -14.32 -17.93 8.42
CA ARG B 326 -15.65 -17.85 9.05
C ARG B 326 -16.05 -16.39 9.26
N THR B 327 -15.13 -15.63 9.84
CA THR B 327 -15.34 -14.22 10.08
C THR B 327 -15.59 -13.45 8.80
N PHE B 328 -14.72 -13.68 7.80
CA PHE B 328 -14.77 -12.95 6.54
C PHE B 328 -16.06 -13.24 5.76
N ASN B 329 -16.47 -14.52 5.72
CA ASN B 329 -17.72 -14.88 5.07
C ASN B 329 -18.87 -14.14 5.75
N ALA B 330 -18.88 -14.19 7.08
CA ALA B 330 -19.92 -13.54 7.89
C ALA B 330 -20.01 -12.03 7.61
N GLU B 331 -18.88 -11.33 7.74
CA GLU B 331 -18.89 -9.86 7.67
C GLU B 331 -18.97 -9.30 6.25
N MET B 332 -18.59 -10.08 5.25
CA MET B 332 -18.59 -9.56 3.87
C MET B 332 -19.87 -9.83 3.06
N GLY B 333 -20.81 -10.54 3.67
CA GLY B 333 -22.04 -10.94 2.99
C GLY B 333 -21.78 -12.13 2.10
N VAL B 334 -20.81 -12.96 2.53
CA VAL B 334 -20.24 -14.10 1.80
C VAL B 334 -20.57 -14.16 0.31
#